data_2UZ3
#
_entry.id   2UZ3
#
_cell.length_a   63.789
_cell.length_b   110.753
_cell.length_c   73.034
_cell.angle_alpha   90.00
_cell.angle_beta   109.86
_cell.angle_gamma   90.00
#
_symmetry.space_group_name_H-M   'P 1 21 1'
#
loop_
_entity.id
_entity.type
_entity.pdbx_description
1 polymer 'THYMIDINE KINASE'
2 non-polymer 'ZINC ION'
3 non-polymer "THYMIDINE-5'-TRIPHOSPHATE"
4 non-polymer 'MAGNESIUM ION'
5 water water
#
_entity_poly.entity_id   1
_entity_poly.type   'polypeptide(L)'
_entity_poly.pdbx_seq_one_letter_code
;MGSSHHHHHHSSGLVPRGSHMAKVNAFSKKIGWIEFITGPMFAGKTAELIRRLHRLEYADVKYLVFKPKIDTRSIRNIQS
RTGTSLPSVEVESAPEILNYIMSNSFNDETKVIGIDEVQFFDDRICEVANILAENGFVVIISGLDKNFKGEPFGPIAKLF
TYADKITKLTAICNECGAEATHSLRKIDGKHADYNDDIVKIGCQEFYSAVCRHHHKVPNRPYLNSNSEEFIKFFKNKKRN
KNI
;
_entity_poly.pdbx_strand_id   A,B,C,D
#
loop_
_chem_comp.id
_chem_comp.type
_chem_comp.name
_chem_comp.formula
MG non-polymer 'MAGNESIUM ION' 'Mg 2'
TTP non-polymer THYMIDINE-5'-TRIPHOSPHATE 'C10 H17 N2 O14 P3'
ZN non-polymer 'ZINC ION' 'Zn 2'
#
# COMPACT_ATOMS: atom_id res chain seq x y z
N ILE A 31 -20.22 -6.29 -10.46
CA ILE A 31 -19.07 -5.88 -9.60
C ILE A 31 -19.58 -5.32 -8.25
N GLY A 32 -19.03 -4.18 -7.83
CA GLY A 32 -19.45 -3.54 -6.58
C GLY A 32 -18.45 -3.75 -5.45
N TRP A 33 -18.04 -2.65 -4.79
CA TRP A 33 -17.11 -2.71 -3.66
C TRP A 33 -17.09 -1.42 -2.84
N ILE A 34 -16.50 -1.48 -1.64
CA ILE A 34 -16.36 -0.30 -0.78
C ILE A 34 -14.89 0.12 -0.62
N GLU A 35 -14.62 1.40 -0.82
CA GLU A 35 -13.32 2.00 -0.54
C GLU A 35 -13.48 2.99 0.60
N PHE A 36 -12.60 2.90 1.59
CA PHE A 36 -12.68 3.75 2.77
C PHE A 36 -11.42 4.60 2.92
N ILE A 37 -11.62 5.91 2.91
CA ILE A 37 -10.56 6.87 3.09
C ILE A 37 -10.75 7.44 4.50
N THR A 38 -9.71 7.35 5.34
CA THR A 38 -9.82 7.81 6.71
C THR A 38 -8.50 8.34 7.26
N GLY A 39 -8.51 8.69 8.55
CA GLY A 39 -7.36 9.30 9.21
C GLY A 39 -7.82 10.47 10.05
N PRO A 40 -6.86 11.20 10.65
CA PRO A 40 -7.21 12.31 11.53
C PRO A 40 -7.64 13.54 10.75
N MET A 41 -7.77 14.67 11.45
CA MET A 41 -8.01 15.97 10.79
C MET A 41 -6.74 16.41 10.11
N PHE A 42 -6.86 17.30 9.13
CA PHE A 42 -5.69 17.84 8.42
C PHE A 42 -4.83 16.84 7.60
N ALA A 43 -5.42 15.70 7.24
CA ALA A 43 -4.72 14.64 6.52
C ALA A 43 -4.97 14.66 5.00
N GLY A 44 -5.91 15.48 4.54
CA GLY A 44 -6.29 15.54 3.13
C GLY A 44 -7.31 14.50 2.69
N LYS A 45 -8.16 14.04 3.60
CA LYS A 45 -9.11 12.99 3.26
C LYS A 45 -10.02 13.44 2.12
N THR A 46 -10.60 14.62 2.26
CA THR A 46 -11.54 15.19 1.28
C THR A 46 -10.84 15.38 -0.06
N ALA A 47 -9.61 15.87 0.00
CA ALA A 47 -8.81 16.05 -1.22
C ALA A 47 -8.60 14.71 -1.95
N GLU A 48 -8.33 13.65 -1.18
CA GLU A 48 -8.20 12.32 -1.77
C GLU A 48 -9.51 11.75 -2.34
N LEU A 49 -10.62 11.99 -1.66
CA LEU A 49 -11.96 11.66 -2.17
C LEU A 49 -12.17 12.36 -3.50
N ILE A 50 -11.88 13.66 -3.53
CA ILE A 50 -12.09 14.48 -4.71
C ILE A 50 -11.22 13.99 -5.86
N ARG A 51 -9.96 13.65 -5.53
CA ARG A 51 -9.05 13.14 -6.55
C ARG A 51 -9.60 11.88 -7.22
N ARG A 52 -10.14 10.96 -6.43
CA ARG A 52 -10.68 9.70 -6.96
C ARG A 52 -11.90 9.95 -7.83
N LEU A 53 -12.72 10.91 -7.41
CA LEU A 53 -13.92 11.35 -8.14
C LEU A 53 -13.58 12.02 -9.46
N HIS A 54 -12.56 12.90 -9.44
CA HIS A 54 -12.06 13.55 -10.66
C HIS A 54 -11.67 12.57 -11.74
N ARG A 55 -11.01 11.49 -11.33
CA ARG A 55 -10.59 10.45 -12.26
C ARG A 55 -11.74 9.95 -13.14
N LEU A 56 -12.92 9.85 -12.54
CA LEU A 56 -14.09 9.26 -13.20
C LEU A 56 -14.59 10.14 -14.32
N GLU A 57 -14.41 11.45 -14.17
CA GLU A 57 -14.86 12.41 -15.16
C GLU A 57 -14.15 12.32 -16.50
N TYR A 58 -12.87 11.90 -16.50
CA TYR A 58 -12.09 11.83 -17.73
C TYR A 58 -12.53 10.66 -18.58
N ALA A 59 -13.21 9.72 -17.93
CA ALA A 59 -13.74 8.56 -18.63
C ALA A 59 -15.26 8.67 -18.71
N ASP A 60 -15.78 9.83 -18.29
CA ASP A 60 -17.22 10.13 -18.39
C ASP A 60 -18.06 9.19 -17.51
N VAL A 61 -17.50 8.76 -16.38
CA VAL A 61 -18.20 7.86 -15.47
C VAL A 61 -18.94 8.70 -14.43
N LYS A 62 -20.25 8.50 -14.34
CA LYS A 62 -21.07 9.33 -13.46
C LYS A 62 -20.99 8.90 -12.00
N TYR A 63 -21.05 9.88 -11.11
CA TYR A 63 -21.00 9.63 -9.67
C TYR A 63 -21.95 10.57 -8.95
N LEU A 64 -22.25 10.26 -7.69
CA LEU A 64 -23.10 11.11 -6.87
C LEU A 64 -22.58 11.07 -5.43
N VAL A 65 -22.45 12.23 -4.81
CA VAL A 65 -21.87 12.32 -3.47
C VAL A 65 -22.90 12.73 -2.45
N PHE A 66 -22.85 12.09 -1.27
CA PHE A 66 -23.72 12.42 -0.13
C PHE A 66 -22.93 12.92 1.07
N LYS A 67 -23.62 13.67 1.91
CA LYS A 67 -23.04 14.32 3.07
C LYS A 67 -24.12 14.32 4.13
N PRO A 68 -23.75 14.10 5.41
CA PRO A 68 -24.76 14.25 6.43
C PRO A 68 -25.07 15.71 6.77
N LYS A 69 -26.30 15.93 7.27
CA LYS A 69 -26.76 17.19 7.86
C LYS A 69 -26.16 17.40 9.25
N ILE A 70 -25.16 18.30 9.31
CA ILE A 70 -24.39 18.53 10.53
C ILE A 70 -25.13 19.51 11.46
N SER A 88 -22.55 17.97 -3.66
CA SER A 88 -23.05 16.86 -2.85
C SER A 88 -24.50 17.06 -2.37
N VAL A 89 -25.27 15.98 -2.33
CA VAL A 89 -26.62 15.94 -1.72
C VAL A 89 -26.55 15.83 -0.18
N GLU A 90 -27.26 16.69 0.53
CA GLU A 90 -27.31 16.66 1.98
C GLU A 90 -28.40 15.70 2.44
N VAL A 91 -28.15 15.01 3.55
CA VAL A 91 -29.05 13.96 4.01
C VAL A 91 -29.09 13.83 5.52
N GLU A 92 -30.27 13.49 6.04
CA GLU A 92 -30.64 13.54 7.48
C GLU A 92 -30.28 12.25 8.24
N SER A 93 -30.15 11.14 7.50
CA SER A 93 -29.85 9.83 8.06
C SER A 93 -29.50 8.86 6.91
N ALA A 94 -28.83 7.76 7.26
CA ALA A 94 -28.30 6.83 6.25
C ALA A 94 -29.32 6.37 5.21
N PRO A 95 -30.53 5.93 5.66
CA PRO A 95 -31.53 5.36 4.72
C PRO A 95 -32.00 6.32 3.63
N GLU A 96 -31.97 7.63 3.89
CA GLU A 96 -32.34 8.60 2.85
C GLU A 96 -31.49 8.51 1.57
N ILE A 97 -30.28 7.99 1.70
CA ILE A 97 -29.42 7.71 0.55
C ILE A 97 -30.14 6.78 -0.40
N LEU A 98 -30.59 5.65 0.15
CA LEU A 98 -31.30 4.65 -0.65
C LEU A 98 -32.58 5.23 -1.24
N ASN A 99 -33.29 6.04 -0.45
CA ASN A 99 -34.51 6.67 -0.95
C ASN A 99 -34.22 7.60 -2.13
N TYR A 100 -33.14 8.37 -2.05
CA TYR A 100 -32.75 9.28 -3.12
C TYR A 100 -32.46 8.52 -4.39
N ILE A 101 -31.78 7.38 -4.25
CA ILE A 101 -31.41 6.57 -5.42
C ILE A 101 -32.67 5.98 -6.07
N MET A 102 -33.69 5.77 -5.24
CA MET A 102 -34.96 5.27 -5.73
C MET A 102 -35.80 6.39 -6.36
N SER A 103 -35.54 7.64 -5.98
CA SER A 103 -36.34 8.78 -6.45
C SER A 103 -36.02 9.21 -7.89
N ASN A 104 -36.80 10.15 -8.42
CA ASN A 104 -36.63 10.59 -9.82
C ASN A 104 -35.44 11.51 -10.00
N SER A 105 -34.90 11.98 -8.88
CA SER A 105 -33.72 12.83 -8.89
C SER A 105 -32.47 12.05 -9.35
N PHE A 106 -32.53 10.72 -9.27
CA PHE A 106 -31.38 9.84 -9.52
C PHE A 106 -31.10 9.57 -11.00
N ASN A 107 -29.88 9.89 -11.44
CA ASN A 107 -29.42 9.55 -12.79
C ASN A 107 -29.03 8.07 -12.87
N ASP A 108 -29.66 7.34 -13.79
CA ASP A 108 -29.48 5.89 -13.93
C ASP A 108 -28.09 5.44 -14.32
N GLU A 109 -27.30 6.37 -14.86
CA GLU A 109 -25.95 6.04 -15.31
C GLU A 109 -24.92 6.03 -14.16
N THR A 110 -25.31 6.57 -13.01
CA THR A 110 -24.48 6.63 -11.79
C THR A 110 -23.87 5.27 -11.45
N LYS A 111 -22.54 5.20 -11.45
CA LYS A 111 -21.82 3.98 -11.11
C LYS A 111 -21.22 4.06 -9.71
N VAL A 112 -20.91 5.27 -9.27
CA VAL A 112 -20.12 5.49 -8.07
C VAL A 112 -20.85 6.37 -7.08
N ILE A 113 -20.83 5.96 -5.81
CA ILE A 113 -21.47 6.71 -4.73
C ILE A 113 -20.41 7.18 -3.74
N GLY A 114 -20.32 8.49 -3.55
CA GLY A 114 -19.38 9.07 -2.60
C GLY A 114 -20.10 9.43 -1.32
N ILE A 115 -19.48 9.13 -0.17
CA ILE A 115 -20.07 9.48 1.12
C ILE A 115 -19.00 10.14 1.98
N ASP A 116 -19.18 11.44 2.26
CA ASP A 116 -18.19 12.27 2.92
C ASP A 116 -18.56 12.39 4.40
N GLU A 117 -17.54 12.52 5.26
CA GLU A 117 -17.69 12.58 6.72
C GLU A 117 -18.70 11.61 7.31
N VAL A 118 -18.45 10.31 7.10
CA VAL A 118 -19.36 9.26 7.58
C VAL A 118 -19.46 9.23 9.09
N GLN A 119 -18.48 9.79 9.78
CA GLN A 119 -18.43 9.75 11.24
C GLN A 119 -19.71 10.28 11.91
N PHE A 120 -20.45 11.15 11.21
CA PHE A 120 -21.69 11.77 11.71
C PHE A 120 -22.95 10.96 11.47
N PHE A 121 -22.84 9.92 10.64
CA PHE A 121 -23.94 8.97 10.49
C PHE A 121 -23.98 8.00 11.68
N ASP A 122 -25.04 7.22 11.80
CA ASP A 122 -25.09 6.19 12.83
C ASP A 122 -24.78 4.85 12.16
N ASP A 123 -24.93 3.75 12.90
CA ASP A 123 -24.51 2.43 12.38
C ASP A 123 -25.28 2.01 11.14
N ARG A 124 -26.41 2.65 10.86
CA ARG A 124 -27.23 2.28 9.70
C ARG A 124 -26.51 2.52 8.39
N ILE A 125 -25.47 3.36 8.41
CA ILE A 125 -24.65 3.61 7.21
C ILE A 125 -23.96 2.35 6.66
N CYS A 126 -23.55 1.44 7.55
CA CYS A 126 -22.85 0.21 7.13
C CYS A 126 -23.73 -0.65 6.24
N GLU A 127 -24.98 -0.81 6.66
CA GLU A 127 -25.92 -1.65 5.94
C GLU A 127 -26.21 -1.04 4.58
N VAL A 128 -26.35 0.29 4.56
CA VAL A 128 -26.57 1.05 3.32
C VAL A 128 -25.41 0.83 2.34
N ALA A 129 -24.19 0.97 2.84
CA ALA A 129 -22.97 0.83 2.05
C ALA A 129 -22.79 -0.58 1.53
N ASN A 130 -23.03 -1.56 2.40
CA ASN A 130 -22.97 -2.96 1.97
C ASN A 130 -23.98 -3.25 0.87
N ILE A 131 -25.20 -2.75 1.05
CA ILE A 131 -26.30 -3.01 0.13
C ILE A 131 -25.99 -2.38 -1.24
N LEU A 132 -25.48 -1.15 -1.19
CA LEU A 132 -25.01 -0.46 -2.39
C LEU A 132 -23.97 -1.26 -3.17
N ALA A 133 -22.98 -1.80 -2.46
CA ALA A 133 -21.94 -2.60 -3.09
C ALA A 133 -22.46 -3.93 -3.63
N GLU A 134 -23.41 -4.55 -2.92
CA GLU A 134 -24.00 -5.80 -3.40
C GLU A 134 -24.80 -5.59 -4.69
N ASN A 135 -25.27 -4.37 -4.92
CA ASN A 135 -26.06 -4.08 -6.11
C ASN A 135 -25.30 -3.32 -7.19
N GLY A 136 -24.00 -3.60 -7.28
CA GLY A 136 -23.16 -3.11 -8.37
C GLY A 136 -22.52 -1.73 -8.23
N PHE A 137 -22.84 -1.00 -7.16
CA PHE A 137 -22.22 0.30 -6.91
C PHE A 137 -20.83 0.21 -6.30
N VAL A 138 -19.94 1.09 -6.78
CA VAL A 138 -18.65 1.36 -6.14
C VAL A 138 -18.94 2.46 -5.16
N VAL A 139 -18.64 2.23 -3.89
CA VAL A 139 -18.91 3.25 -2.89
C VAL A 139 -17.62 3.72 -2.24
N ILE A 140 -17.32 5.01 -2.42
CA ILE A 140 -16.11 5.61 -1.86
C ILE A 140 -16.55 6.42 -0.67
N ILE A 141 -15.98 6.09 0.50
CA ILE A 141 -16.37 6.66 1.78
C ILE A 141 -15.19 7.35 2.48
N SER A 142 -15.46 8.55 3.01
CA SER A 142 -14.45 9.37 3.67
C SER A 142 -14.95 9.79 5.06
N GLY A 143 -14.07 9.75 6.06
CA GLY A 143 -14.41 10.22 7.40
C GLY A 143 -13.28 10.03 8.40
N LEU A 144 -13.46 10.62 9.57
CA LEU A 144 -12.50 10.51 10.67
C LEU A 144 -12.57 9.15 11.31
N ASP A 145 -11.43 8.58 11.66
CA ASP A 145 -11.46 7.31 12.34
C ASP A 145 -11.58 7.48 13.87
N LYS A 146 -11.08 8.61 14.39
CA LYS A 146 -11.07 8.85 15.84
C LYS A 146 -11.79 10.14 16.20
N ASN A 147 -12.58 10.12 17.28
CA ASN A 147 -13.02 11.37 17.88
C ASN A 147 -11.88 11.94 18.73
N PHE A 148 -12.11 13.06 19.40
CA PHE A 148 -11.04 13.73 20.11
C PHE A 148 -10.47 12.85 21.22
N LYS A 149 -11.28 11.89 21.68
CA LYS A 149 -10.86 10.95 22.74
C LYS A 149 -9.77 9.99 22.26
N GLY A 150 -9.65 9.83 20.93
CA GLY A 150 -8.79 8.82 20.32
C GLY A 150 -9.51 7.51 20.16
N GLU A 151 -10.84 7.56 20.29
CA GLU A 151 -11.69 6.37 20.19
C GLU A 151 -12.53 6.35 18.90
N PRO A 152 -13.00 5.16 18.48
CA PRO A 152 -13.73 5.08 17.22
C PRO A 152 -14.88 6.07 17.13
N PHE A 153 -14.92 6.82 16.03
CA PHE A 153 -15.87 7.89 15.84
C PHE A 153 -17.15 7.33 15.26
N GLY A 154 -18.23 7.40 16.02
CA GLY A 154 -19.51 6.90 15.56
C GLY A 154 -19.40 5.50 14.99
N PRO A 155 -19.85 5.30 13.75
CA PRO A 155 -20.00 3.99 13.14
C PRO A 155 -18.74 3.48 12.45
N ILE A 156 -17.66 4.26 12.43
CA ILE A 156 -16.58 3.97 11.49
C ILE A 156 -15.92 2.61 11.72
N ALA A 157 -15.90 2.13 12.96
CA ALA A 157 -15.21 0.88 13.27
C ALA A 157 -15.73 -0.29 12.43
N LYS A 158 -17.04 -0.40 12.29
CA LYS A 158 -17.64 -1.43 11.45
C LYS A 158 -17.27 -1.26 9.98
N LEU A 159 -17.23 -0.01 9.53
CA LEU A 159 -16.87 0.32 8.14
C LEU A 159 -15.51 -0.25 7.71
N PHE A 160 -14.54 -0.26 8.60
CA PHE A 160 -13.23 -0.83 8.31
C PHE A 160 -13.35 -2.29 7.89
N THR A 161 -14.24 -3.01 8.57
CA THR A 161 -14.49 -4.42 8.33
C THR A 161 -15.17 -4.62 6.97
N TYR A 162 -16.07 -3.71 6.61
CA TYR A 162 -16.87 -3.88 5.40
C TYR A 162 -16.19 -3.37 4.13
N ALA A 163 -15.24 -2.44 4.30
CA ALA A 163 -14.51 -1.88 3.17
C ALA A 163 -13.57 -2.89 2.54
N ASP A 164 -13.68 -3.05 1.22
CA ASP A 164 -12.73 -3.84 0.45
C ASP A 164 -11.34 -3.21 0.52
N LYS A 165 -11.30 -1.88 0.47
CA LYS A 165 -10.04 -1.16 0.39
C LYS A 165 -9.95 -0.05 1.44
N ILE A 166 -8.89 -0.10 2.22
CA ILE A 166 -8.69 0.88 3.28
C ILE A 166 -7.48 1.74 2.98
N THR A 167 -7.70 3.06 3.00
CA THR A 167 -6.63 4.03 2.90
C THR A 167 -6.67 4.89 4.16
N LYS A 168 -5.73 4.62 5.06
CA LYS A 168 -5.58 5.38 6.29
C LYS A 168 -4.51 6.44 6.03
N LEU A 169 -4.93 7.69 5.89
CA LEU A 169 -4.02 8.79 5.63
C LEU A 169 -3.48 9.31 6.94
N THR A 170 -2.31 9.95 6.90
CA THR A 170 -1.76 10.60 8.07
C THR A 170 -1.68 12.11 7.87
N ALA A 171 -1.67 12.83 8.98
CA ALA A 171 -1.37 14.24 8.95
C ALA A 171 0.02 14.40 9.56
N ILE A 172 0.47 15.65 9.73
CA ILE A 172 1.77 15.95 10.32
C ILE A 172 1.59 16.41 11.76
N CYS A 173 2.21 15.74 12.73
CA CYS A 173 2.09 16.12 14.16
C CYS A 173 2.46 17.57 14.40
N ASN A 174 1.53 18.30 14.98
CA ASN A 174 1.73 19.70 15.25
C ASN A 174 2.82 19.95 16.27
N GLU A 175 3.21 18.89 16.96
CA GLU A 175 4.16 18.98 18.05
C GLU A 175 5.57 18.62 17.61
N CYS A 176 5.71 17.44 17.00
CA CYS A 176 7.04 16.90 16.69
C CYS A 176 7.32 16.72 15.20
N GLY A 177 6.31 16.94 14.38
CA GLY A 177 6.47 16.72 12.95
C GLY A 177 6.40 15.26 12.47
N ALA A 178 6.16 14.31 13.37
CA ALA A 178 6.01 12.92 12.95
C ALA A 178 4.66 12.70 12.24
N GLU A 179 4.45 11.50 11.70
CA GLU A 179 3.15 11.13 11.19
C GLU A 179 2.10 11.27 12.30
N ALA A 180 1.05 12.05 12.05
CA ALA A 180 -0.07 12.20 12.98
C ALA A 180 -1.22 11.23 12.68
N THR A 181 -1.68 10.56 13.73
CA THR A 181 -2.75 9.59 13.63
C THR A 181 -3.98 10.03 14.41
N HIS A 182 -3.86 11.13 15.16
CA HIS A 182 -4.89 11.53 16.10
C HIS A 182 -5.29 12.99 15.91
N SER A 183 -6.56 13.28 16.22
CA SER A 183 -7.05 14.63 16.34
C SER A 183 -7.05 15.02 17.83
N LEU A 184 -6.45 16.16 18.15
CA LEU A 184 -6.35 16.68 19.49
C LEU A 184 -7.21 17.94 19.65
N ARG A 185 -7.99 18.01 20.71
CA ARG A 185 -8.77 19.22 20.97
C ARG A 185 -8.23 20.02 22.17
N LYS A 186 -8.02 21.32 21.94
CA LYS A 186 -7.63 22.27 23.00
C LYS A 186 -8.60 23.45 23.09
N ILE A 187 -9.01 23.80 24.31
CA ILE A 187 -9.65 25.12 24.53
C ILE A 187 -8.85 25.93 25.54
N ASP A 188 -8.57 27.20 25.20
CA ASP A 188 -7.66 28.05 25.97
C ASP A 188 -6.32 27.33 26.26
N GLY A 189 -5.82 26.60 25.26
CA GLY A 189 -4.58 25.84 25.37
C GLY A 189 -4.63 24.64 26.30
N LYS A 190 -5.84 24.26 26.70
CA LYS A 190 -6.05 23.11 27.58
C LYS A 190 -6.66 21.92 26.82
N HIS A 191 -6.18 20.73 27.18
CA HIS A 191 -6.58 19.49 26.53
C HIS A 191 -8.00 19.11 26.95
N ALA A 192 -8.93 19.23 26.01
CA ALA A 192 -10.33 18.92 26.26
C ALA A 192 -10.48 17.60 27.01
N ASP A 193 -11.27 17.63 28.09
CA ASP A 193 -11.45 16.49 28.99
C ASP A 193 -12.17 15.31 28.34
N TYR A 194 -11.84 14.10 28.81
CA TYR A 194 -12.46 12.88 28.30
C TYR A 194 -13.98 12.93 28.23
N ASN A 195 -14.58 13.67 29.17
CA ASN A 195 -16.03 13.66 29.33
C ASN A 195 -16.76 14.70 28.47
N ASP A 196 -16.02 15.47 27.68
CA ASP A 196 -16.61 16.53 26.84
C ASP A 196 -17.40 15.96 25.65
N ASP A 197 -18.23 16.81 25.04
CA ASP A 197 -19.12 16.42 23.92
C ASP A 197 -18.28 15.88 22.75
N ILE A 198 -18.71 14.75 22.19
CA ILE A 198 -18.06 14.17 21.02
C ILE A 198 -18.15 15.18 19.86
N VAL A 199 -19.38 15.54 19.48
CA VAL A 199 -19.58 16.42 18.33
C VAL A 199 -19.35 17.88 18.68
N LYS A 200 -18.38 18.51 18.00
CA LYS A 200 -18.10 19.94 18.11
C LYS A 200 -17.43 20.45 16.83
N ILE A 201 -18.22 21.10 15.99
CA ILE A 201 -17.76 21.54 14.67
C ILE A 201 -16.72 22.65 14.83
N GLY A 202 -15.72 22.65 13.96
CA GLY A 202 -14.67 23.65 14.01
C GLY A 202 -13.41 23.22 13.30
N CYS A 203 -12.39 24.09 13.36
CA CYS A 203 -11.09 23.84 12.74
C CYS A 203 -9.92 24.14 13.66
N GLN A 204 -8.93 24.89 13.19
CA GLN A 204 -7.70 25.10 13.95
C GLN A 204 -7.87 25.87 15.26
N GLU A 205 -9.00 26.55 15.40
CA GLU A 205 -9.43 27.20 16.64
C GLU A 205 -9.53 26.20 17.80
N PHE A 206 -9.91 24.97 17.48
CA PHE A 206 -10.06 23.94 18.52
C PHE A 206 -9.14 22.74 18.31
N TYR A 207 -8.87 22.39 17.06
CA TYR A 207 -8.25 21.10 16.74
C TYR A 207 -6.87 21.18 16.12
N SER A 208 -6.07 20.19 16.45
CA SER A 208 -4.78 19.98 15.80
C SER A 208 -4.61 18.49 15.53
N ALA A 209 -3.57 18.15 14.77
CA ALA A 209 -3.26 16.77 14.43
C ALA A 209 -2.01 16.38 15.16
N VAL A 210 -2.02 15.20 15.78
CA VAL A 210 -0.88 14.76 16.61
C VAL A 210 -0.56 13.28 16.44
N CYS A 211 0.69 12.91 16.74
CA CYS A 211 1.04 11.49 16.82
C CYS A 211 0.45 10.88 18.10
N ARG A 212 0.63 9.59 18.28
CA ARG A 212 0.15 8.89 19.49
C ARG A 212 0.70 9.53 20.77
N HIS A 213 2.02 9.72 20.83
CA HIS A 213 2.68 10.21 22.05
C HIS A 213 2.18 11.58 22.49
N HIS A 214 1.74 12.38 21.52
CA HIS A 214 1.33 13.75 21.78
C HIS A 214 -0.18 13.91 21.83
N HIS A 215 -0.89 12.79 21.99
CA HIS A 215 -2.32 12.82 22.19
C HIS A 215 -2.59 12.51 23.64
N LYS A 216 -3.18 13.47 24.35
CA LYS A 216 -3.39 13.33 25.79
C LYS A 216 -4.82 13.71 26.13
N VAL A 217 -5.52 12.81 26.81
CA VAL A 217 -6.89 13.07 27.26
C VAL A 217 -6.95 13.03 28.80
N PRO A 218 -7.12 14.21 29.44
CA PRO A 218 -7.31 14.21 30.90
C PRO A 218 -8.47 13.31 31.28
N ASN A 219 -8.27 12.46 32.28
CA ASN A 219 -9.31 11.56 32.86
C ASN A 219 -9.77 10.38 32.01
N ARG A 220 -8.84 9.86 31.22
CA ARG A 220 -9.09 8.67 30.42
C ARG A 220 -9.27 7.47 31.35
N PRO A 221 -10.39 6.76 31.21
CA PRO A 221 -10.65 5.55 32.01
C PRO A 221 -9.82 4.33 31.57
N TYR A 222 -9.74 3.34 32.46
CA TYR A 222 -9.07 2.10 32.13
C TYR A 222 -10.02 0.96 32.42
N LEU A 223 -10.36 0.21 31.38
CA LEU A 223 -11.35 -0.86 31.51
C LEU A 223 -10.71 -2.20 31.93
N ASN A 224 -9.39 -2.26 31.98
CA ASN A 224 -8.71 -3.47 32.42
C ASN A 224 -8.09 -3.25 33.79
N SER A 225 -8.40 -4.14 34.73
CA SER A 225 -7.97 -3.95 36.10
C SER A 225 -6.46 -3.84 36.31
N ASN A 226 -5.65 -4.39 35.39
CA ASN A 226 -4.20 -4.36 35.57
C ASN A 226 -3.44 -3.32 34.75
N SER A 227 -4.18 -2.44 34.09
CA SER A 227 -3.61 -1.44 33.18
C SER A 227 -2.73 -0.42 33.90
N GLU A 228 -3.31 0.24 34.89
CA GLU A 228 -2.62 1.31 35.63
C GLU A 228 -1.39 0.75 36.32
N GLU A 229 -1.53 -0.49 36.81
CA GLU A 229 -0.43 -1.26 37.39
C GLU A 229 0.75 -1.34 36.42
N PHE A 230 0.45 -1.77 35.21
CA PHE A 230 1.43 -1.95 34.15
C PHE A 230 2.15 -0.64 33.80
N ILE A 231 1.39 0.45 33.68
CA ILE A 231 1.93 1.78 33.39
C ILE A 231 2.90 2.26 34.48
N LYS A 232 2.55 1.98 35.74
CA LYS A 232 3.43 2.22 36.90
C LYS A 232 4.72 1.41 36.77
N PHE A 233 4.55 0.08 36.70
CA PHE A 233 5.64 -0.89 36.52
C PHE A 233 6.68 -0.42 35.50
N PHE A 234 6.22 0.11 34.38
CA PHE A 234 7.10 0.53 33.27
C PHE A 234 7.71 1.92 33.44
N LYS A 235 7.01 2.82 34.12
CA LYS A 235 7.57 4.10 34.58
C LYS A 235 8.83 3.86 35.42
N ASN A 236 8.90 2.68 36.06
CA ASN A 236 10.10 2.20 36.76
C ASN A 236 11.14 1.59 35.81
N LYS A 237 12.31 2.23 35.76
CA LYS A 237 13.38 1.87 34.82
C LYS A 237 14.76 2.32 35.31
N ILE B 31 17.41 12.15 9.71
CA ILE B 31 16.33 11.40 9.00
C ILE B 31 16.57 11.41 7.46
N GLY B 32 15.54 11.66 6.66
CA GLY B 32 15.72 11.84 5.22
C GLY B 32 15.25 10.65 4.40
N TRP B 33 14.38 10.88 3.41
CA TRP B 33 13.86 9.81 2.55
C TRP B 33 13.24 10.33 1.25
N ILE B 34 13.04 9.43 0.28
CA ILE B 34 12.41 9.77 -0.98
C ILE B 34 11.04 9.08 -1.12
N GLU B 35 10.01 9.86 -1.45
CA GLU B 35 8.68 9.34 -1.80
C GLU B 35 8.43 9.64 -3.27
N PHE B 36 7.97 8.61 -4.00
CA PHE B 36 7.75 8.69 -5.44
C PHE B 36 6.27 8.47 -5.74
N ILE B 37 5.65 9.49 -6.35
CA ILE B 37 4.27 9.45 -6.82
C ILE B 37 4.32 9.32 -8.32
N THR B 38 3.67 8.29 -8.85
CA THR B 38 3.79 7.95 -10.28
C THR B 38 2.52 7.35 -10.86
N GLY B 39 2.57 6.97 -12.14
CA GLY B 39 1.39 6.52 -12.87
C GLY B 39 1.25 7.20 -14.23
N PRO B 40 0.18 6.87 -14.98
CA PRO B 40 -0.02 7.49 -16.29
C PRO B 40 -0.60 8.90 -16.15
N MET B 41 -0.97 9.50 -17.27
CA MET B 41 -1.67 10.79 -17.25
C MET B 41 -3.06 10.60 -16.71
N PHE B 42 -3.67 11.68 -16.22
CA PHE B 42 -5.07 11.66 -15.74
C PHE B 42 -5.30 10.85 -14.45
N ALA B 43 -4.24 10.62 -13.69
CA ALA B 43 -4.31 9.78 -12.51
C ALA B 43 -4.36 10.60 -11.23
N GLY B 44 -4.09 11.90 -11.35
CA GLY B 44 -4.10 12.79 -10.18
C GLY B 44 -2.78 12.84 -9.43
N LYS B 45 -1.68 12.66 -10.16
CA LYS B 45 -0.36 12.67 -9.54
C LYS B 45 -0.05 14.01 -8.87
N THR B 46 -0.24 15.10 -9.60
CA THR B 46 0.00 16.43 -9.08
C THR B 46 -0.93 16.77 -7.91
N ALA B 47 -2.19 16.33 -7.99
CA ALA B 47 -3.14 16.50 -6.89
C ALA B 47 -2.61 15.81 -5.63
N GLU B 48 -2.08 14.60 -5.80
CA GLU B 48 -1.55 13.87 -4.67
C GLU B 48 -0.27 14.49 -4.10
N LEU B 49 0.60 15.00 -4.96
CA LEU B 49 1.75 15.76 -4.48
C LEU B 49 1.31 16.99 -3.67
N ILE B 50 0.33 17.72 -4.19
CA ILE B 50 -0.17 18.91 -3.53
C ILE B 50 -0.75 18.56 -2.19
N ARG B 51 -1.54 17.49 -2.16
CA ARG B 51 -2.18 17.02 -0.95
C ARG B 51 -1.13 16.79 0.13
N ARG B 52 -0.02 16.13 -0.22
CA ARG B 52 1.01 15.81 0.77
C ARG B 52 1.72 17.05 1.25
N LEU B 53 1.96 18.01 0.36
CA LEU B 53 2.57 19.27 0.77
C LEU B 53 1.63 20.15 1.59
N HIS B 54 0.33 20.17 1.25
CA HIS B 54 -0.67 20.94 1.99
C HIS B 54 -0.66 20.56 3.45
N ARG B 55 -0.55 19.25 3.74
CA ARG B 55 -0.45 18.70 5.11
C ARG B 55 0.58 19.41 5.97
N LEU B 56 1.72 19.77 5.36
CA LEU B 56 2.85 20.32 6.08
C LEU B 56 2.58 21.72 6.61
N GLU B 57 1.68 22.42 5.93
CA GLU B 57 1.30 23.78 6.28
C GLU B 57 0.53 23.87 7.61
N TYR B 58 -0.24 22.84 7.94
CA TYR B 58 -1.02 22.83 9.18
C TYR B 58 -0.15 22.62 10.39
N ALA B 59 1.08 22.15 10.16
CA ALA B 59 2.06 21.97 11.22
C ALA B 59 3.16 22.98 11.05
N ASP B 60 2.95 23.94 10.15
CA ASP B 60 3.92 25.00 9.86
C ASP B 60 5.30 24.48 9.41
N VAL B 61 5.31 23.32 8.74
CA VAL B 61 6.56 22.78 8.20
C VAL B 61 6.82 23.31 6.77
N LYS B 62 7.98 23.94 6.58
CA LYS B 62 8.33 24.58 5.31
C LYS B 62 8.75 23.60 4.24
N TYR B 63 8.33 23.88 3.00
CA TYR B 63 8.69 23.07 1.85
C TYR B 63 9.04 23.96 0.65
N LEU B 64 9.62 23.34 -0.37
CA LEU B 64 9.99 24.05 -1.58
C LEU B 64 9.86 23.10 -2.76
N VAL B 65 9.21 23.59 -3.82
CA VAL B 65 8.81 22.80 -4.97
C VAL B 65 9.58 23.20 -6.24
N PHE B 66 10.12 22.20 -6.94
CA PHE B 66 10.85 22.40 -8.20
C PHE B 66 10.12 21.78 -9.37
N LYS B 67 10.41 22.31 -10.55
CA LYS B 67 9.73 21.93 -11.79
C LYS B 67 10.72 22.18 -12.93
N PRO B 68 10.81 21.24 -13.89
CA PRO B 68 11.62 21.43 -15.10
C PRO B 68 10.97 22.47 -16.04
N LYS B 69 11.71 23.14 -16.93
CA LYS B 69 11.10 24.15 -17.83
C LYS B 69 10.26 23.65 -19.01
N ILE B 70 10.59 22.49 -19.61
CA ILE B 70 9.98 22.13 -20.90
C ILE B 70 8.47 22.04 -20.86
N ASP B 71 7.91 21.59 -19.74
CA ASP B 71 6.46 21.48 -19.65
C ASP B 71 5.85 22.85 -19.37
N THR B 72 5.35 23.47 -20.43
CA THR B 72 4.88 24.85 -20.41
C THR B 72 3.39 24.99 -20.03
N ARG B 73 2.82 23.95 -19.45
CA ARG B 73 1.41 23.95 -19.10
C ARG B 73 1.09 24.81 -17.86
N SER B 74 2.01 24.82 -16.90
CA SER B 74 1.94 25.76 -15.79
C SER B 74 3.26 26.46 -15.68
N ILE B 75 3.19 27.77 -15.56
CA ILE B 75 4.39 28.55 -15.47
C ILE B 75 4.56 28.94 -14.02
N ARG B 76 5.74 28.61 -13.49
CA ARG B 76 6.16 28.70 -12.09
C ARG B 76 5.15 28.42 -11.00
N ASN B 77 4.31 27.43 -11.27
CA ASN B 77 3.50 26.83 -10.24
C ASN B 77 3.08 25.40 -10.60
N ILE B 78 2.58 24.70 -9.58
CA ILE B 78 2.17 23.33 -9.71
C ILE B 78 0.68 23.33 -9.52
N GLN B 79 -0.02 22.76 -10.50
CA GLN B 79 -1.45 22.92 -10.62
C GLN B 79 -2.13 21.58 -10.80
N SER B 80 -3.08 21.26 -9.94
CA SER B 80 -4.01 20.18 -10.27
C SER B 80 -5.25 20.77 -10.92
N ARG B 81 -5.92 19.96 -11.74
CA ARG B 81 -7.22 20.35 -12.25
C ARG B 81 -8.23 20.08 -11.13
N THR B 82 -8.11 20.86 -10.05
CA THR B 82 -8.85 20.70 -8.78
C THR B 82 -8.33 21.62 -7.66
N GLY B 83 -8.91 21.46 -6.45
CA GLY B 83 -8.48 22.08 -5.18
C GLY B 83 -7.79 23.44 -5.23
N THR B 84 -6.50 23.43 -5.58
CA THR B 84 -5.71 24.64 -5.80
C THR B 84 -4.44 24.34 -6.61
N SER B 85 -3.54 25.33 -6.60
CA SER B 85 -2.22 25.22 -7.17
C SER B 85 -1.25 25.84 -6.16
N LEU B 86 0.04 25.66 -6.37
CA LEU B 86 1.02 26.30 -5.49
C LEU B 86 2.33 26.58 -6.23
N PRO B 87 3.00 27.69 -5.86
CA PRO B 87 4.21 28.14 -6.56
C PRO B 87 5.36 27.14 -6.54
N SER B 88 6.13 27.12 -7.62
CA SER B 88 7.33 26.30 -7.74
C SER B 88 8.43 27.06 -8.47
N VAL B 89 9.67 26.73 -8.13
CA VAL B 89 10.83 27.26 -8.85
C VAL B 89 11.06 26.45 -10.12
N GLU B 90 11.26 27.14 -11.23
CA GLU B 90 11.62 26.50 -12.49
C GLU B 90 13.13 26.33 -12.64
N VAL B 91 13.52 25.24 -13.27
CA VAL B 91 14.90 24.80 -13.28
C VAL B 91 15.11 24.01 -14.58
N GLU B 92 16.23 24.12 -15.25
CA GLU B 92 16.37 23.35 -16.50
C GLU B 92 17.02 21.98 -16.28
N SER B 93 17.97 21.91 -15.35
CA SER B 93 18.66 20.66 -15.11
C SER B 93 18.77 20.35 -13.62
N ALA B 94 18.98 19.08 -13.30
CA ALA B 94 18.92 18.63 -11.90
C ALA B 94 19.84 19.37 -10.95
N PRO B 95 21.12 19.61 -11.33
CA PRO B 95 22.08 20.23 -10.42
C PRO B 95 21.67 21.63 -9.94
N GLU B 96 20.88 22.35 -10.75
CA GLU B 96 20.40 23.68 -10.39
C GLU B 96 19.59 23.68 -9.09
N ILE B 97 18.96 22.55 -8.79
CA ILE B 97 18.22 22.37 -7.54
C ILE B 97 19.15 22.52 -6.35
N LEU B 98 20.26 21.81 -6.34
CA LEU B 98 21.25 21.93 -5.29
C LEU B 98 21.82 23.35 -5.21
N ASN B 99 22.08 23.98 -6.36
CA ASN B 99 22.59 25.38 -6.38
C ASN B 99 21.65 26.33 -5.70
N TYR B 100 20.37 26.15 -5.95
CA TYR B 100 19.33 27.01 -5.38
C TYR B 100 19.26 26.84 -3.87
N ILE B 101 19.45 25.62 -3.40
CA ILE B 101 19.43 25.36 -1.97
C ILE B 101 20.67 25.97 -1.28
N MET B 102 21.76 26.06 -2.02
CA MET B 102 22.98 26.69 -1.53
C MET B 102 22.92 28.23 -1.63
N SER B 103 21.99 28.74 -2.43
CA SER B 103 21.88 30.17 -2.69
C SER B 103 21.18 30.93 -1.56
N ASN B 104 21.18 32.26 -1.68
CA ASN B 104 20.55 33.18 -0.74
C ASN B 104 19.03 33.08 -0.73
N SER B 105 18.46 32.56 -1.82
CA SER B 105 17.01 32.43 -1.96
C SER B 105 16.42 31.35 -1.05
N PHE B 106 17.27 30.46 -0.55
CA PHE B 106 16.81 29.32 0.23
C PHE B 106 16.51 29.64 1.68
N ASN B 107 15.29 29.29 2.09
CA ASN B 107 14.89 29.36 3.49
C ASN B 107 15.44 28.18 4.29
N ASP B 108 16.21 28.48 5.34
CA ASP B 108 16.90 27.46 6.15
C ASP B 108 15.97 26.50 6.90
N GLU B 109 14.71 26.90 7.05
CA GLU B 109 13.68 26.13 7.72
C GLU B 109 13.14 24.96 6.89
N THR B 110 13.35 25.02 5.57
CA THR B 110 12.82 24.04 4.63
C THR B 110 13.21 22.60 4.98
N LYS B 111 12.21 21.75 5.20
CA LYS B 111 12.45 20.32 5.52
C LYS B 111 12.14 19.41 4.33
N VAL B 112 11.30 19.88 3.42
CA VAL B 112 10.71 19.04 2.38
C VAL B 112 10.91 19.65 1.00
N ILE B 113 11.39 18.84 0.07
CA ILE B 113 11.55 19.27 -1.32
C ILE B 113 10.63 18.47 -2.22
N GLY B 114 9.78 19.20 -2.93
CA GLY B 114 8.90 18.60 -3.92
C GLY B 114 9.47 18.80 -5.31
N ILE B 115 9.40 17.75 -6.14
CA ILE B 115 9.86 17.84 -7.51
C ILE B 115 8.79 17.24 -8.40
N ASP B 116 8.22 18.07 -9.25
CA ASP B 116 7.14 17.61 -10.11
C ASP B 116 7.63 17.36 -11.52
N GLU B 117 6.94 16.46 -12.22
CA GLU B 117 7.27 16.03 -13.60
C GLU B 117 8.73 15.65 -13.79
N VAL B 118 9.22 14.72 -12.95
CA VAL B 118 10.63 14.31 -13.00
C VAL B 118 11.02 13.72 -14.31
N GLN B 119 10.07 13.15 -15.04
CA GLN B 119 10.41 12.47 -16.29
C GLN B 119 11.14 13.36 -17.31
N PHE B 120 11.02 14.67 -17.16
CA PHE B 120 11.70 15.60 -18.07
C PHE B 120 13.15 15.95 -17.68
N PHE B 121 13.59 15.53 -16.50
CA PHE B 121 15.01 15.63 -16.15
C PHE B 121 15.80 14.48 -16.77
N ASP B 122 17.12 14.54 -16.69
CA ASP B 122 17.93 13.39 -17.06
C ASP B 122 18.38 12.62 -15.83
N ASP B 123 19.30 11.67 -16.01
CA ASP B 123 19.73 10.74 -14.94
C ASP B 123 20.25 11.45 -13.70
N ARG B 124 20.72 12.67 -13.87
CA ARG B 124 21.34 13.41 -12.76
C ARG B 124 20.36 13.67 -11.62
N ILE B 125 19.07 13.61 -11.91
CA ILE B 125 18.05 13.79 -10.88
C ILE B 125 18.11 12.76 -9.75
N CYS B 126 18.51 11.52 -10.06
CA CYS B 126 18.61 10.47 -9.05
C CYS B 126 19.64 10.78 -7.97
N GLU B 127 20.83 11.19 -8.40
CA GLU B 127 21.89 11.49 -7.46
C GLU B 127 21.50 12.70 -6.62
N VAL B 128 20.89 13.70 -7.26
CA VAL B 128 20.39 14.90 -6.57
C VAL B 128 19.40 14.54 -5.47
N ALA B 129 18.44 13.67 -5.79
CA ALA B 129 17.44 13.23 -4.83
C ALA B 129 18.05 12.35 -3.72
N ASN B 130 18.96 11.45 -4.07
CA ASN B 130 19.67 10.67 -3.05
C ASN B 130 20.41 11.56 -2.09
N ILE B 131 21.14 12.55 -2.63
CA ILE B 131 21.97 13.43 -1.83
C ILE B 131 21.11 14.25 -0.90
N LEU B 132 19.99 14.74 -1.41
CA LEU B 132 19.03 15.49 -0.60
C LEU B 132 18.52 14.67 0.56
N ALA B 133 18.21 13.40 0.32
CA ALA B 133 17.74 12.50 1.37
C ALA B 133 18.84 12.15 2.37
N GLU B 134 20.06 11.99 1.89
CA GLU B 134 21.22 11.72 2.75
C GLU B 134 21.48 12.87 3.72
N ASN B 135 21.13 14.08 3.32
CA ASN B 135 21.36 15.24 4.15
C ASN B 135 20.14 15.75 4.90
N GLY B 136 19.20 14.85 5.21
CA GLY B 136 18.08 15.18 6.07
C GLY B 136 16.80 15.69 5.41
N PHE B 137 16.81 15.91 4.10
CA PHE B 137 15.58 16.31 3.41
C PHE B 137 14.64 15.15 3.12
N VAL B 138 13.34 15.42 3.24
CA VAL B 138 12.31 14.56 2.71
C VAL B 138 12.05 15.04 1.29
N VAL B 139 12.18 14.14 0.33
CA VAL B 139 11.97 14.54 -1.05
C VAL B 139 10.75 13.82 -1.66
N ILE B 140 9.76 14.61 -2.04
CA ILE B 140 8.53 14.05 -2.59
C ILE B 140 8.55 14.32 -4.09
N ILE B 141 8.53 13.23 -4.87
CA ILE B 141 8.74 13.30 -6.30
C ILE B 141 7.53 12.78 -7.06
N SER B 142 7.07 13.56 -8.05
CA SER B 142 5.99 13.16 -8.94
C SER B 142 6.41 13.16 -10.43
N GLY B 143 5.90 12.21 -11.19
CA GLY B 143 6.21 12.08 -12.61
C GLY B 143 5.61 10.85 -13.30
N LEU B 144 5.59 10.88 -14.63
CA LEU B 144 5.10 9.74 -15.42
C LEU B 144 6.06 8.56 -15.39
N ASP B 145 5.54 7.35 -15.23
CA ASP B 145 6.41 6.17 -15.32
C ASP B 145 6.61 5.72 -16.76
N LYS B 146 5.64 5.97 -17.64
CA LYS B 146 5.79 5.59 -19.03
C LYS B 146 5.68 6.76 -20.01
N ASN B 147 6.49 6.71 -21.06
CA ASN B 147 6.25 7.52 -22.24
C ASN B 147 5.13 6.89 -23.08
N PHE B 148 4.73 7.54 -24.18
CA PHE B 148 3.66 7.04 -25.03
C PHE B 148 3.91 5.62 -25.55
N LYS B 149 5.17 5.22 -25.64
CA LYS B 149 5.49 3.87 -26.09
C LYS B 149 5.20 2.76 -25.04
N GLY B 150 4.92 3.17 -23.80
CA GLY B 150 4.75 2.25 -22.69
C GLY B 150 6.09 1.85 -22.10
N GLU B 151 7.12 2.64 -22.38
CA GLU B 151 8.46 2.38 -21.92
C GLU B 151 8.85 3.39 -20.85
N PRO B 152 9.87 3.04 -20.03
CA PRO B 152 10.35 3.93 -18.96
C PRO B 152 10.61 5.36 -19.49
N PHE B 153 10.02 6.34 -18.83
CA PHE B 153 10.10 7.72 -19.27
C PHE B 153 11.34 8.42 -18.68
N GLY B 154 12.30 8.73 -19.53
CA GLY B 154 13.53 9.36 -19.09
C GLY B 154 14.18 8.57 -17.96
N PRO B 155 14.53 9.25 -16.86
CA PRO B 155 15.25 8.61 -15.76
C PRO B 155 14.40 7.93 -14.69
N ILE B 156 13.08 7.91 -14.84
CA ILE B 156 12.21 7.44 -13.76
C ILE B 156 12.50 6.01 -13.29
N ALA B 157 13.02 5.16 -14.18
CA ALA B 157 13.26 3.77 -13.84
C ALA B 157 14.14 3.64 -12.61
N LYS B 158 15.25 4.39 -12.59
CA LYS B 158 16.16 4.34 -11.45
C LYS B 158 15.54 4.88 -10.16
N LEU B 159 14.66 5.89 -10.32
CA LEU B 159 14.01 6.56 -9.20
C LEU B 159 13.17 5.58 -8.38
N PHE B 160 12.56 4.60 -9.03
CA PHE B 160 11.79 3.60 -8.32
C PHE B 160 12.69 2.89 -7.31
N THR B 161 13.91 2.57 -7.74
CA THR B 161 14.89 1.90 -6.90
C THR B 161 15.29 2.75 -5.69
N TYR B 162 15.44 4.05 -5.90
CA TYR B 162 15.93 4.92 -4.85
C TYR B 162 14.85 5.39 -3.89
N ALA B 163 13.61 5.36 -4.34
CA ALA B 163 12.48 5.77 -3.52
C ALA B 163 12.27 4.81 -2.35
N ASP B 164 12.20 5.36 -1.14
CA ASP B 164 11.80 4.61 0.03
C ASP B 164 10.35 4.16 -0.13
N LYS B 165 9.52 5.06 -0.65
CA LYS B 165 8.09 4.80 -0.77
C LYS B 165 7.58 5.07 -2.19
N ILE B 166 6.83 4.10 -2.71
CA ILE B 166 6.29 4.20 -4.04
C ILE B 166 4.78 4.23 -3.97
N THR B 167 4.18 5.20 -4.65
CA THR B 167 2.76 5.22 -4.87
C THR B 167 2.52 5.28 -6.36
N LYS B 168 2.06 4.17 -6.90
CA LYS B 168 1.72 4.07 -8.29
C LYS B 168 0.20 4.24 -8.39
N LEU B 169 -0.23 5.40 -8.88
CA LEU B 169 -1.66 5.68 -8.98
C LEU B 169 -2.15 5.20 -10.33
N THR B 170 -3.46 5.02 -10.44
CA THR B 170 -4.05 4.63 -11.70
C THR B 170 -5.00 5.71 -12.19
N ALA B 171 -5.25 5.69 -13.50
CA ALA B 171 -6.33 6.46 -14.08
C ALA B 171 -7.44 5.49 -14.44
N ILE B 172 -8.49 5.96 -15.11
CA ILE B 172 -9.55 5.09 -15.60
C ILE B 172 -9.41 4.97 -17.11
N CYS B 173 -9.41 3.72 -17.61
CA CYS B 173 -9.29 3.47 -19.06
C CYS B 173 -10.39 4.16 -19.86
N ASN B 174 -9.96 4.96 -20.81
CA ASN B 174 -10.81 5.68 -21.73
C ASN B 174 -11.69 4.75 -22.58
N GLU B 175 -11.24 3.51 -22.75
CA GLU B 175 -11.93 2.53 -23.59
C GLU B 175 -12.87 1.62 -22.82
N CYS B 176 -12.43 1.05 -21.69
CA CYS B 176 -13.23 0.03 -21.00
C CYS B 176 -13.55 0.36 -19.54
N GLY B 177 -13.00 1.45 -19.03
CA GLY B 177 -13.27 1.83 -17.66
C GLY B 177 -12.47 1.06 -16.61
N ALA B 178 -11.57 0.18 -17.04
CA ALA B 178 -10.69 -0.53 -16.10
C ALA B 178 -9.67 0.45 -15.52
N GLU B 179 -8.91 0.01 -14.53
CA GLU B 179 -7.77 0.78 -14.06
C GLU B 179 -6.81 1.01 -15.21
N ALA B 180 -6.41 2.27 -15.40
CA ALA B 180 -5.50 2.62 -16.49
C ALA B 180 -4.06 2.77 -15.98
N THR B 181 -3.14 2.16 -16.70
CA THR B 181 -1.72 2.09 -16.32
C THR B 181 -0.84 2.80 -17.36
N HIS B 182 -1.43 3.16 -18.51
CA HIS B 182 -0.67 3.66 -19.64
C HIS B 182 -1.20 4.97 -20.17
N SER B 183 -0.31 5.75 -20.76
CA SER B 183 -0.72 6.91 -21.53
C SER B 183 -0.69 6.56 -23.02
N LEU B 184 -1.77 6.86 -23.73
CA LEU B 184 -1.87 6.63 -25.17
C LEU B 184 -1.80 7.96 -25.90
N ARG B 185 -0.89 8.10 -26.86
CA ARG B 185 -0.84 9.32 -27.66
C ARG B 185 -1.45 9.07 -29.02
N LYS B 186 -2.27 10.04 -29.45
CA LYS B 186 -2.97 10.00 -30.74
C LYS B 186 -2.88 11.33 -31.48
N ILE B 187 -2.46 11.27 -32.74
CA ILE B 187 -2.44 12.46 -33.60
C ILE B 187 -3.61 12.34 -34.57
N ASP B 188 -4.53 13.31 -34.52
CA ASP B 188 -5.73 13.30 -35.39
C ASP B 188 -6.45 11.95 -35.37
N GLY B 189 -6.73 11.42 -34.17
CA GLY B 189 -7.33 10.08 -34.02
C GLY B 189 -6.48 8.84 -34.32
N LYS B 190 -5.26 9.01 -34.83
CA LYS B 190 -4.37 7.89 -35.21
C LYS B 190 -3.34 7.56 -34.12
N HIS B 191 -3.20 6.29 -33.75
CA HIS B 191 -2.20 5.88 -32.73
C HIS B 191 -0.82 6.33 -33.15
N ALA B 192 -0.08 6.92 -32.21
CA ALA B 192 1.26 7.40 -32.51
C ALA B 192 2.16 6.22 -32.76
N ASP B 193 2.99 6.37 -33.76
CA ASP B 193 3.94 5.37 -34.15
C ASP B 193 5.02 5.25 -33.09
N TYR B 194 5.58 4.05 -32.97
CA TYR B 194 6.66 3.80 -32.02
C TYR B 194 7.82 4.76 -32.17
N ASN B 195 8.08 5.17 -33.41
CA ASN B 195 9.26 5.99 -33.68
C ASN B 195 9.05 7.49 -33.59
N ASP B 196 7.86 7.90 -33.14
CA ASP B 196 7.61 9.34 -32.94
C ASP B 196 8.41 9.90 -31.76
N ASP B 197 8.50 11.22 -31.68
CA ASP B 197 9.22 11.88 -30.60
C ASP B 197 8.62 11.60 -29.24
N ILE B 198 9.50 11.31 -28.29
CA ILE B 198 9.07 11.07 -26.92
C ILE B 198 8.41 12.32 -26.33
N VAL B 199 9.10 13.45 -26.37
CA VAL B 199 8.60 14.68 -25.77
C VAL B 199 7.59 15.40 -26.68
N LYS B 200 6.37 15.57 -26.18
CA LYS B 200 5.30 16.26 -26.88
C LYS B 200 4.29 16.77 -25.85
N ILE B 201 4.39 18.06 -25.53
CA ILE B 201 3.52 18.68 -24.52
C ILE B 201 2.07 18.82 -25.02
N GLY B 202 1.12 18.58 -24.11
CA GLY B 202 -0.29 18.59 -24.47
C GLY B 202 -1.18 17.85 -23.48
N CYS B 203 -2.45 17.76 -23.84
CA CYS B 203 -3.44 17.17 -22.98
C CYS B 203 -4.36 16.26 -23.79
N GLN B 204 -5.67 16.42 -23.63
CA GLN B 204 -6.63 15.49 -24.22
C GLN B 204 -6.73 15.55 -25.75
N GLU B 205 -6.17 16.61 -26.33
CA GLU B 205 -6.02 16.68 -27.79
C GLU B 205 -5.17 15.55 -28.35
N PHE B 206 -4.15 15.13 -27.60
CA PHE B 206 -3.23 14.06 -28.00
C PHE B 206 -3.35 12.80 -27.13
N TYR B 207 -3.61 12.99 -25.83
CA TYR B 207 -3.41 11.95 -24.85
C TYR B 207 -4.65 11.44 -24.16
N SER B 208 -4.65 10.14 -23.88
CA SER B 208 -5.68 9.48 -23.08
C SER B 208 -5.01 8.46 -22.16
N ALA B 209 -5.75 8.02 -21.14
CA ALA B 209 -5.26 6.98 -20.24
C ALA B 209 -5.94 5.66 -20.59
N VAL B 210 -5.17 4.57 -20.62
CA VAL B 210 -5.68 3.27 -21.03
C VAL B 210 -5.10 2.16 -20.16
N CYS B 211 -5.83 1.03 -20.11
CA CYS B 211 -5.30 -0.21 -19.52
C CYS B 211 -4.24 -0.78 -20.44
N ARG B 212 -3.57 -1.84 -19.99
CA ARG B 212 -2.59 -2.54 -20.80
C ARG B 212 -3.15 -3.00 -22.16
N HIS B 213 -4.27 -3.72 -22.12
CA HIS B 213 -4.84 -4.30 -23.32
C HIS B 213 -5.21 -3.24 -24.36
N HIS B 214 -5.56 -2.04 -23.91
CA HIS B 214 -5.90 -0.95 -24.83
C HIS B 214 -4.77 0.00 -25.13
N HIS B 215 -3.55 -0.43 -24.87
CA HIS B 215 -2.40 0.38 -25.28
C HIS B 215 -1.72 -0.31 -26.45
N LYS B 216 -1.79 0.35 -27.61
CA LYS B 216 -1.26 -0.25 -28.83
C LYS B 216 -0.34 0.73 -29.55
N VAL B 217 0.86 0.26 -29.85
CA VAL B 217 1.85 1.08 -30.51
C VAL B 217 2.26 0.42 -31.82
N PRO B 218 1.80 0.97 -32.96
CA PRO B 218 2.24 0.49 -34.27
C PRO B 218 3.76 0.43 -34.34
N ASN B 219 4.27 -0.70 -34.85
CA ASN B 219 5.71 -0.91 -35.07
C ASN B 219 6.57 -1.08 -33.82
N ARG B 220 6.00 -1.63 -32.77
CA ARG B 220 6.74 -1.97 -31.57
C ARG B 220 7.70 -3.12 -31.87
N PRO B 221 8.99 -2.96 -31.55
CA PRO B 221 9.99 -3.99 -31.84
C PRO B 221 9.97 -5.10 -30.78
N TYR B 222 10.64 -6.21 -31.07
CA TYR B 222 10.78 -7.30 -30.12
C TYR B 222 12.25 -7.64 -29.98
N LEU B 223 12.79 -7.49 -28.79
CA LEU B 223 14.23 -7.67 -28.57
C LEU B 223 14.61 -9.13 -28.29
N ASN B 224 13.60 -9.99 -28.13
CA ASN B 224 13.81 -11.40 -27.87
C ASN B 224 13.47 -12.24 -29.07
N SER B 225 14.41 -13.08 -29.50
CA SER B 225 14.25 -13.81 -30.75
C SER B 225 12.99 -14.69 -30.81
N ASN B 226 12.50 -15.12 -29.66
CA ASN B 226 11.33 -16.03 -29.62
C ASN B 226 9.97 -15.38 -29.28
N SER B 227 9.93 -14.06 -29.14
CA SER B 227 8.71 -13.36 -28.73
C SER B 227 7.53 -13.48 -29.72
N GLU B 228 7.77 -13.11 -30.97
CA GLU B 228 6.71 -13.16 -31.98
C GLU B 228 6.23 -14.58 -32.18
N GLU B 229 7.15 -15.54 -32.12
CA GLU B 229 6.79 -16.94 -32.15
C GLU B 229 5.79 -17.29 -31.06
N PHE B 230 6.07 -16.86 -29.83
CA PHE B 230 5.19 -17.10 -28.68
C PHE B 230 3.82 -16.47 -28.88
N ILE B 231 3.79 -15.24 -29.36
CA ILE B 231 2.52 -14.55 -29.62
C ILE B 231 1.68 -15.31 -30.67
N LYS B 232 2.32 -15.79 -31.72
CA LYS B 232 1.63 -16.63 -32.71
C LYS B 232 1.10 -17.91 -32.06
N PHE B 233 1.99 -18.66 -31.40
CA PHE B 233 1.62 -19.90 -30.72
C PHE B 233 0.38 -19.75 -29.85
N PHE B 234 0.28 -18.63 -29.12
CA PHE B 234 -0.85 -18.40 -28.23
C PHE B 234 -2.12 -17.90 -28.92
N LYS B 235 -1.98 -17.15 -30.01
CA LYS B 235 -3.14 -16.81 -30.81
C LYS B 235 -3.82 -18.07 -31.37
N ASN B 236 -3.08 -19.18 -31.40
CA ASN B 236 -3.66 -20.51 -31.67
C ASN B 236 -4.24 -21.17 -30.42
N LYS B 237 -5.55 -21.38 -30.46
CA LYS B 237 -6.29 -21.96 -29.33
C LYS B 237 -7.58 -22.64 -29.81
N ILE C 31 9.01 5.32 21.25
CA ILE C 31 8.44 4.70 20.03
C ILE C 31 7.07 4.03 20.34
N GLY C 32 6.76 2.94 19.62
CA GLY C 32 5.58 2.14 19.93
C GLY C 32 4.44 2.34 18.96
N TRP C 33 3.91 1.23 18.43
CA TRP C 33 2.79 1.27 17.48
C TRP C 33 2.11 -0.10 17.29
N ILE C 34 0.92 -0.06 16.69
CA ILE C 34 0.18 -1.29 16.37
C ILE C 34 0.09 -1.52 14.85
N GLU C 35 0.41 -2.75 14.45
CA GLU C 35 0.24 -3.24 13.08
C GLU C 35 -0.80 -4.36 13.08
N PHE C 36 -1.77 -4.28 12.18
CA PHE C 36 -2.88 -5.22 12.11
C PHE C 36 -2.88 -5.91 10.76
N ILE C 37 -2.75 -7.24 10.82
CA ILE C 37 -2.82 -8.09 9.64
C ILE C 37 -4.15 -8.84 9.71
N THR C 38 -4.96 -8.72 8.66
CA THR C 38 -6.30 -9.26 8.67
C THR C 38 -6.78 -9.72 7.29
N GLY C 39 -8.03 -10.16 7.22
CA GLY C 39 -8.57 -10.75 6.00
C GLY C 39 -9.30 -12.04 6.29
N PRO C 40 -9.78 -12.70 5.23
CA PRO C 40 -10.58 -13.90 5.48
C PRO C 40 -9.66 -15.11 5.70
N MET C 41 -10.25 -16.30 5.77
CA MET C 41 -9.44 -17.54 5.85
C MET C 41 -8.71 -17.78 4.53
N PHE C 42 -7.62 -18.52 4.58
CA PHE C 42 -6.85 -18.90 3.40
C PHE C 42 -6.14 -17.71 2.71
N ALA C 43 -5.89 -16.64 3.47
CA ALA C 43 -5.28 -15.42 2.93
C ALA C 43 -3.78 -15.32 3.22
N GLY C 44 -3.30 -16.16 4.14
CA GLY C 44 -1.90 -16.18 4.54
C GLY C 44 -1.55 -15.19 5.65
N LYS C 45 -2.52 -14.88 6.51
CA LYS C 45 -2.34 -13.97 7.64
C LYS C 45 -1.17 -14.41 8.53
N THR C 46 -1.23 -15.67 8.98
CA THR C 46 -0.21 -16.25 9.84
C THR C 46 1.17 -16.20 9.16
N ALA C 47 1.20 -16.58 7.89
CA ALA C 47 2.41 -16.51 7.08
C ALA C 47 3.00 -15.10 7.06
N GLU C 48 2.15 -14.11 6.88
CA GLU C 48 2.61 -12.72 6.90
C GLU C 48 3.13 -12.28 8.28
N LEU C 49 2.43 -12.66 9.34
CA LEU C 49 2.88 -12.44 10.71
C LEU C 49 4.28 -13.05 10.89
N ILE C 50 4.44 -14.31 10.48
CA ILE C 50 5.70 -15.02 10.63
C ILE C 50 6.81 -14.32 9.84
N ARG C 51 6.47 -13.90 8.63
CA ARG C 51 7.37 -13.11 7.79
C ARG C 51 7.93 -11.89 8.52
N ARG C 52 7.03 -11.10 9.10
CA ARG C 52 7.43 -9.88 9.80
C ARG C 52 8.27 -10.16 11.03
N LEU C 53 7.95 -11.25 11.72
CA LEU C 53 8.70 -11.64 12.91
C LEU C 53 10.08 -12.19 12.56
N HIS C 54 10.15 -12.97 11.48
CA HIS C 54 11.42 -13.54 11.04
C HIS C 54 12.45 -12.45 10.66
N ARG C 55 11.98 -11.32 10.15
CA ARG C 55 12.86 -10.17 9.83
C ARG C 55 13.67 -9.69 11.03
N LEU C 56 13.02 -9.72 12.20
CA LEU C 56 13.60 -9.24 13.45
C LEU C 56 14.80 -10.07 13.88
N GLU C 57 14.77 -11.35 13.57
CA GLU C 57 15.84 -12.27 13.93
C GLU C 57 17.20 -11.95 13.27
N TYR C 58 17.18 -11.43 12.05
CA TYR C 58 18.42 -11.12 11.34
C TYR C 58 19.10 -9.91 11.92
N ALA C 59 18.36 -9.12 12.68
CA ALA C 59 18.90 -7.96 13.37
C ALA C 59 18.96 -8.23 14.87
N ASP C 60 18.69 -9.47 15.23
CA ASP C 60 18.77 -9.91 16.62
C ASP C 60 17.79 -9.19 17.56
N VAL C 61 16.64 -8.79 17.01
CA VAL C 61 15.62 -8.09 17.80
C VAL C 61 14.65 -9.10 18.37
N LYS C 62 14.51 -9.09 19.68
CA LYS C 62 13.71 -10.08 20.40
C LYS C 62 12.22 -9.79 20.30
N TYR C 63 11.42 -10.85 20.20
CA TYR C 63 9.97 -10.72 20.18
C TYR C 63 9.29 -11.84 20.96
N LEU C 64 8.00 -11.67 21.22
CA LEU C 64 7.23 -12.66 21.95
C LEU C 64 5.82 -12.73 21.36
N VAL C 65 5.35 -13.95 21.10
CA VAL C 65 4.05 -14.14 20.46
C VAL C 65 3.01 -14.78 21.40
N PHE C 66 1.81 -14.19 21.43
CA PHE C 66 0.69 -14.70 22.21
C PHE C 66 -0.44 -15.23 21.32
N LYS C 67 -1.21 -16.17 21.88
CA LYS C 67 -2.28 -16.87 21.21
C LYS C 67 -3.37 -17.11 22.23
N PRO C 68 -4.65 -16.96 21.83
CA PRO C 68 -5.71 -17.32 22.78
C PRO C 68 -5.90 -18.84 22.90
N LYS C 69 -6.39 -19.27 24.06
CA LYS C 69 -6.55 -20.70 24.34
C LYS C 69 -7.79 -21.25 23.66
N SER C 85 1.17 -24.35 12.90
CA SER C 85 1.70 -23.92 14.20
C SER C 85 2.91 -22.96 14.12
N LEU C 86 2.85 -21.90 14.92
CA LEU C 86 4.00 -21.03 15.18
C LEU C 86 4.22 -20.99 16.70
N PRO C 87 5.50 -20.93 17.17
CA PRO C 87 5.79 -20.89 18.64
C PRO C 87 5.21 -19.65 19.34
N SER C 88 4.64 -19.85 20.52
CA SER C 88 3.75 -18.88 21.16
C SER C 88 3.32 -19.27 22.59
N VAL C 89 3.17 -18.25 23.45
CA VAL C 89 2.54 -18.40 24.77
C VAL C 89 1.01 -18.44 24.65
N GLU C 90 0.38 -19.46 25.23
CA GLU C 90 -1.09 -19.55 25.20
C GLU C 90 -1.68 -18.82 26.40
N VAL C 91 -2.81 -18.17 26.18
CA VAL C 91 -3.37 -17.24 27.14
C VAL C 91 -4.90 -17.32 27.17
N GLU C 92 -5.45 -17.19 28.38
CA GLU C 92 -6.89 -17.38 28.65
C GLU C 92 -7.74 -16.13 28.32
N SER C 93 -7.16 -14.96 28.50
CA SER C 93 -7.84 -13.70 28.27
C SER C 93 -6.80 -12.61 28.05
N ALA C 94 -7.23 -11.48 27.51
CA ALA C 94 -6.30 -10.41 27.13
C ALA C 94 -5.37 -9.94 28.27
N PRO C 95 -5.93 -9.59 29.46
CA PRO C 95 -5.08 -9.12 30.58
C PRO C 95 -3.89 -10.00 30.98
N GLU C 96 -4.01 -11.31 30.77
CA GLU C 96 -2.93 -12.26 31.07
C GLU C 96 -1.62 -11.98 30.32
N ILE C 97 -1.73 -11.33 29.15
CA ILE C 97 -0.57 -10.88 28.36
C ILE C 97 0.25 -9.89 29.19
N LEU C 98 -0.40 -8.87 29.73
CA LEU C 98 0.24 -7.91 30.61
C LEU C 98 0.89 -8.56 31.83
N ASN C 99 0.18 -9.51 32.45
CA ASN C 99 0.73 -10.23 33.60
C ASN C 99 1.98 -11.02 33.26
N TYR C 100 2.00 -11.66 32.09
CA TYR C 100 3.16 -12.42 31.65
C TYR C 100 4.36 -11.52 31.43
N ILE C 101 4.12 -10.31 30.93
CA ILE C 101 5.23 -9.38 30.70
C ILE C 101 5.76 -8.85 32.03
N MET C 102 4.88 -8.81 33.03
CA MET C 102 5.26 -8.43 34.39
C MET C 102 5.99 -9.55 35.10
N SER C 103 5.79 -10.79 34.63
CA SER C 103 6.33 -11.98 35.30
C SER C 103 7.83 -12.19 35.02
N ASN C 104 8.39 -13.19 35.69
CA ASN C 104 9.80 -13.52 35.55
C ASN C 104 10.11 -14.22 34.23
N SER C 105 9.09 -14.80 33.61
CA SER C 105 9.22 -15.42 32.30
C SER C 105 9.64 -14.43 31.21
N PHE C 106 9.40 -13.15 31.44
CA PHE C 106 9.60 -12.13 30.43
C PHE C 106 11.07 -11.74 30.21
N ASN C 107 11.53 -11.83 28.98
CA ASN C 107 12.84 -11.32 28.59
C ASN C 107 12.77 -9.81 28.37
N ASP C 108 13.59 -9.08 29.11
CA ASP C 108 13.56 -7.62 29.13
C ASP C 108 13.97 -6.96 27.81
N GLU C 109 14.63 -7.72 26.95
CA GLU C 109 15.07 -7.21 25.65
C GLU C 109 13.95 -7.17 24.60
N THR C 110 12.86 -7.89 24.88
CA THR C 110 11.69 -7.98 24.00
C THR C 110 11.21 -6.61 23.52
N LYS C 111 11.17 -6.43 22.20
CA LYS C 111 10.81 -5.14 21.60
C LYS C 111 9.42 -5.23 20.98
N VAL C 112 9.06 -6.46 20.60
CA VAL C 112 7.95 -6.67 19.70
C VAL C 112 7.05 -7.75 20.26
N ILE C 113 5.74 -7.48 20.22
CA ILE C 113 4.78 -8.46 20.70
C ILE C 113 3.82 -8.84 19.61
N GLY C 114 3.79 -10.13 19.32
CA GLY C 114 2.90 -10.70 18.32
C GLY C 114 1.67 -11.26 18.99
N ILE C 115 0.51 -11.02 18.38
CA ILE C 115 -0.75 -11.58 18.85
C ILE C 115 -1.46 -12.24 17.66
N ASP C 116 -1.61 -13.56 17.68
CA ASP C 116 -2.30 -14.24 16.57
C ASP C 116 -3.73 -14.62 16.94
N GLU C 117 -4.58 -14.69 15.92
CA GLU C 117 -6.00 -14.97 16.07
C GLU C 117 -6.70 -14.14 17.12
N VAL C 118 -6.61 -12.82 17.00
CA VAL C 118 -7.22 -11.93 17.96
C VAL C 118 -8.72 -12.06 18.03
N GLN C 119 -9.34 -12.54 16.95
CA GLN C 119 -10.80 -12.58 16.89
C GLN C 119 -11.43 -13.39 18.06
N PHE C 120 -10.67 -14.32 18.65
CA PHE C 120 -11.14 -15.09 19.82
C PHE C 120 -10.98 -14.43 21.19
N PHE C 121 -10.32 -13.27 21.26
CA PHE C 121 -10.30 -12.46 22.49
C PHE C 121 -11.59 -11.65 22.58
N ASP C 122 -11.79 -10.98 23.72
CA ASP C 122 -12.89 -10.01 23.85
C ASP C 122 -12.35 -8.59 23.74
N ASP C 123 -13.21 -7.61 23.96
CA ASP C 123 -12.85 -6.17 23.84
C ASP C 123 -11.61 -5.74 24.62
N ARG C 124 -11.29 -6.48 25.69
CA ARG C 124 -10.15 -6.15 26.52
C ARG C 124 -8.82 -6.12 25.77
N ILE C 125 -8.73 -6.83 24.66
CA ILE C 125 -7.50 -6.86 23.85
C ILE C 125 -7.10 -5.48 23.31
N CYS C 126 -8.09 -4.62 23.01
CA CYS C 126 -7.78 -3.29 22.47
C CYS C 126 -7.00 -2.43 23.45
N GLU C 127 -7.48 -2.37 24.69
CA GLU C 127 -6.82 -1.63 25.74
C GLU C 127 -5.42 -2.20 26.03
N VAL C 128 -5.31 -3.53 26.02
CA VAL C 128 -4.00 -4.19 26.21
C VAL C 128 -3.01 -3.78 25.10
N ALA C 129 -3.48 -3.77 23.85
CA ALA C 129 -2.62 -3.45 22.71
C ALA C 129 -2.25 -1.96 22.69
N ASN C 130 -3.22 -1.09 22.97
CA ASN C 130 -2.93 0.36 23.07
C ASN C 130 -1.90 0.65 24.15
N ILE C 131 -2.05 0.02 25.31
CA ILE C 131 -1.14 0.26 26.43
C ILE C 131 0.24 -0.23 26.09
N LEU C 132 0.33 -1.39 25.47
CA LEU C 132 1.63 -1.92 25.06
C LEU C 132 2.32 -0.96 24.10
N ALA C 133 1.57 -0.40 23.15
CA ALA C 133 2.13 0.55 22.20
C ALA C 133 2.54 1.87 22.86
N GLU C 134 1.75 2.31 23.84
CA GLU C 134 2.04 3.51 24.64
C GLU C 134 3.37 3.37 25.40
N ASN C 135 3.69 2.15 25.83
CA ASN C 135 4.90 1.88 26.60
C ASN C 135 6.07 1.33 25.78
N GLY C 136 6.11 1.72 24.49
CA GLY C 136 7.27 1.46 23.63
C GLY C 136 7.29 0.15 22.87
N PHE C 137 6.29 -0.71 23.06
CA PHE C 137 6.24 -1.94 22.31
C PHE C 137 5.66 -1.76 20.91
N VAL C 138 6.22 -2.46 19.92
CA VAL C 138 5.60 -2.61 18.62
C VAL C 138 4.72 -3.87 18.71
N VAL C 139 3.42 -3.73 18.48
CA VAL C 139 2.56 -4.91 18.54
C VAL C 139 2.00 -5.29 17.17
N ILE C 140 2.28 -6.52 16.77
CA ILE C 140 1.84 -6.98 15.48
C ILE C 140 0.72 -7.96 15.75
N ILE C 141 -0.44 -7.68 15.19
CA ILE C 141 -1.64 -8.42 15.48
C ILE C 141 -2.24 -9.02 14.21
N SER C 142 -2.64 -10.28 14.32
CA SER C 142 -3.21 -11.03 13.22
C SER C 142 -4.53 -11.67 13.61
N GLY C 143 -5.51 -11.67 12.69
CA GLY C 143 -6.83 -12.27 12.96
C GLY C 143 -7.84 -12.03 11.85
N LEU C 144 -8.95 -12.78 11.89
CA LEU C 144 -10.04 -12.63 10.92
C LEU C 144 -10.79 -11.36 11.13
N ASP C 145 -11.17 -10.69 10.06
CA ASP C 145 -12.02 -9.52 10.23
C ASP C 145 -13.51 -9.88 10.25
N LYS C 146 -13.87 -11.02 9.64
CA LYS C 146 -15.26 -11.38 9.54
C LYS C 146 -15.51 -12.78 10.07
N ASN C 147 -16.61 -12.95 10.80
CA ASN C 147 -17.11 -14.28 11.09
C ASN C 147 -17.87 -14.80 9.88
N PHE C 148 -18.41 -16.00 9.97
CA PHE C 148 -19.06 -16.62 8.83
C PHE C 148 -20.25 -15.79 8.31
N LYS C 149 -20.80 -14.92 9.16
CA LYS C 149 -21.95 -14.08 8.76
C LYS C 149 -21.55 -12.92 7.86
N GLY C 150 -20.25 -12.67 7.76
CA GLY C 150 -19.74 -11.49 7.09
C GLY C 150 -19.75 -10.28 8.00
N GLU C 151 -19.82 -10.52 9.30
CA GLU C 151 -19.89 -9.47 10.29
C GLU C 151 -18.58 -9.35 11.07
N PRO C 152 -18.31 -8.19 11.68
CA PRO C 152 -17.12 -8.04 12.51
C PRO C 152 -16.97 -9.16 13.53
N PHE C 153 -15.80 -9.81 13.52
CA PHE C 153 -15.53 -10.98 14.33
C PHE C 153 -15.01 -10.54 15.69
N GLY C 154 -15.78 -10.79 16.73
CA GLY C 154 -15.40 -10.39 18.09
C GLY C 154 -14.98 -8.93 18.15
N PRO C 155 -13.79 -8.67 18.70
CA PRO C 155 -13.36 -7.30 19.00
C PRO C 155 -12.65 -6.60 17.85
N ILE C 156 -12.49 -7.29 16.72
CA ILE C 156 -11.60 -6.76 15.67
C ILE C 156 -11.97 -5.38 15.15
N ALA C 157 -13.25 -5.02 15.21
CA ALA C 157 -13.67 -3.74 14.61
C ALA C 157 -12.94 -2.56 15.26
N LYS C 158 -12.88 -2.54 16.59
CA LYS C 158 -12.17 -1.50 17.30
C LYS C 158 -10.67 -1.49 16.97
N LEU C 159 -10.09 -2.68 16.80
CA LEU C 159 -8.68 -2.85 16.47
C LEU C 159 -8.26 -2.08 15.22
N PHE C 160 -9.13 -2.02 14.23
CA PHE C 160 -8.82 -1.29 13.00
C PHE C 160 -8.55 0.17 13.32
N THR C 161 -9.31 0.71 14.26
CA THR C 161 -9.21 2.11 14.69
C THR C 161 -7.89 2.37 15.41
N TYR C 162 -7.45 1.40 16.21
CA TYR C 162 -6.29 1.57 17.05
C TYR C 162 -4.99 1.27 16.36
N ALA C 163 -5.07 0.45 15.31
CA ALA C 163 -3.90 0.09 14.54
C ALA C 163 -3.34 1.27 13.76
N ASP C 164 -2.05 1.53 13.90
CA ASP C 164 -1.36 2.53 13.08
C ASP C 164 -1.33 2.05 11.63
N LYS C 165 -1.06 0.76 11.44
CA LYS C 165 -0.94 0.20 10.10
C LYS C 165 -1.88 -0.97 9.89
N ILE C 166 -2.61 -0.91 8.79
CA ILE C 166 -3.56 -1.94 8.46
C ILE C 166 -3.13 -2.66 7.20
N THR C 167 -3.05 -3.98 7.28
CA THR C 167 -2.85 -4.79 6.10
C THR C 167 -4.00 -5.76 5.98
N LYS C 168 -4.90 -5.48 5.04
CA LYS C 168 -6.03 -6.36 4.76
C LYS C 168 -5.66 -7.26 3.58
N LEU C 169 -5.38 -8.52 3.87
CA LEU C 169 -5.00 -9.48 2.85
C LEU C 169 -6.24 -10.07 2.22
N THR C 170 -6.07 -10.60 1.01
CA THR C 170 -7.16 -11.27 0.31
C THR C 170 -6.83 -12.74 0.16
N ALA C 171 -7.86 -13.55 -0.02
CA ALA C 171 -7.69 -14.92 -0.48
C ALA C 171 -8.22 -14.96 -1.92
N ILE C 172 -8.32 -16.15 -2.50
CA ILE C 172 -8.80 -16.32 -3.87
C ILE C 172 -10.16 -16.98 -3.76
N CYS C 173 -11.19 -16.37 -4.36
CA CYS C 173 -12.55 -16.89 -4.34
C CYS C 173 -12.64 -18.31 -4.88
N ASN C 174 -13.20 -19.19 -4.07
CA ASN C 174 -13.32 -20.60 -4.41
C ASN C 174 -14.28 -20.82 -5.55
N GLU C 175 -15.16 -19.85 -5.77
CA GLU C 175 -16.15 -19.97 -6.83
C GLU C 175 -15.71 -19.36 -8.16
N CYS C 176 -15.17 -18.14 -8.16
CA CYS C 176 -14.90 -17.43 -9.43
C CYS C 176 -13.43 -17.04 -9.62
N GLY C 177 -12.63 -17.20 -8.58
CA GLY C 177 -11.22 -16.86 -8.66
C GLY C 177 -10.89 -15.40 -8.44
N ALA C 178 -11.87 -14.55 -8.15
CA ALA C 178 -11.54 -13.16 -7.86
C ALA C 178 -10.96 -13.05 -6.45
N GLU C 179 -10.50 -11.85 -6.08
CA GLU C 179 -10.02 -11.61 -4.72
C GLU C 179 -11.15 -11.92 -3.72
N ALA C 180 -10.85 -12.79 -2.75
CA ALA C 180 -11.80 -13.18 -1.70
C ALA C 180 -11.65 -12.31 -0.44
N THR C 181 -12.78 -11.79 0.05
CA THR C 181 -12.83 -10.91 1.21
C THR C 181 -13.57 -11.57 2.38
N HIS C 182 -14.20 -12.71 2.12
CA HIS C 182 -15.13 -13.31 3.08
C HIS C 182 -14.82 -14.80 3.30
N SER C 183 -15.08 -15.26 4.51
CA SER C 183 -15.10 -16.68 4.82
C SER C 183 -16.54 -17.19 4.72
N LEU C 184 -16.73 -18.30 4.00
CA LEU C 184 -18.03 -18.96 3.85
C LEU C 184 -18.05 -20.28 4.59
N ARG C 185 -19.11 -20.54 5.35
CA ARG C 185 -19.24 -21.83 6.01
C ARG C 185 -20.30 -22.66 5.35
N LYS C 186 -19.96 -23.93 5.10
CA LYS C 186 -20.89 -24.91 4.54
C LYS C 186 -21.04 -26.15 5.41
N ILE C 187 -22.30 -26.54 5.60
CA ILE C 187 -22.67 -27.74 6.32
C ILE C 187 -23.36 -28.68 5.32
N ASP C 188 -22.70 -29.81 5.03
CA ASP C 188 -23.09 -30.76 3.96
C ASP C 188 -23.60 -30.02 2.73
N GLY C 189 -22.76 -29.13 2.18
CA GLY C 189 -23.06 -28.42 0.94
C GLY C 189 -23.98 -27.22 1.02
N LYS C 190 -24.60 -27.00 2.16
CA LYS C 190 -25.56 -25.89 2.31
C LYS C 190 -24.90 -24.71 3.04
N HIS C 191 -25.09 -23.51 2.49
CA HIS C 191 -24.64 -22.25 3.12
C HIS C 191 -25.19 -22.07 4.55
N ALA C 192 -24.28 -22.03 5.52
CA ALA C 192 -24.63 -21.98 6.94
C ALA C 192 -25.62 -20.89 7.27
N ASP C 193 -26.52 -21.18 8.21
CA ASP C 193 -27.57 -20.25 8.56
C ASP C 193 -27.06 -19.08 9.41
N TYR C 194 -27.66 -17.91 9.22
CA TYR C 194 -27.33 -16.72 10.00
C TYR C 194 -27.24 -16.96 11.49
N ASN C 195 -28.13 -17.80 12.03
CA ASN C 195 -28.21 -18.00 13.49
C ASN C 195 -27.38 -19.09 14.08
N ASP C 196 -26.53 -19.72 13.26
CA ASP C 196 -25.59 -20.70 13.76
C ASP C 196 -24.51 -20.06 14.64
N ASP C 197 -23.81 -20.88 15.40
CA ASP C 197 -22.75 -20.44 16.32
C ASP C 197 -21.64 -19.71 15.58
N ILE C 198 -21.22 -18.58 16.11
CA ILE C 198 -20.08 -17.86 15.57
C ILE C 198 -18.82 -18.72 15.62
N VAL C 199 -18.48 -19.27 16.80
CA VAL C 199 -17.25 -20.03 16.98
C VAL C 199 -17.42 -21.51 16.58
N LYS C 200 -16.64 -21.94 15.59
CA LYS C 200 -16.60 -23.31 15.12
C LYS C 200 -15.26 -23.61 14.45
N ILE C 201 -14.38 -24.28 15.20
CA ILE C 201 -13.02 -24.57 14.78
C ILE C 201 -13.04 -25.55 13.63
N GLY C 202 -12.17 -25.32 12.64
CA GLY C 202 -12.10 -26.17 11.47
C GLY C 202 -11.40 -25.55 10.27
N CYS C 203 -11.41 -26.29 9.17
CA CYS C 203 -10.67 -26.00 7.96
C CYS C 203 -11.56 -26.09 6.73
N GLN C 204 -11.03 -26.66 5.65
CA GLN C 204 -11.74 -26.79 4.38
C GLN C 204 -12.95 -27.73 4.46
N GLU C 205 -13.00 -28.55 5.50
CA GLU C 205 -14.17 -29.36 5.81
C GLU C 205 -15.44 -28.50 5.95
N PHE C 206 -15.30 -27.31 6.53
CA PHE C 206 -16.44 -26.41 6.77
C PHE C 206 -16.31 -25.11 5.97
N TYR C 207 -15.08 -24.65 5.75
CA TYR C 207 -14.86 -23.28 5.30
C TYR C 207 -14.18 -23.13 3.94
N SER C 208 -14.57 -22.08 3.25
CA SER C 208 -13.92 -21.66 2.03
C SER C 208 -13.86 -20.13 2.01
N ALA C 209 -13.07 -19.59 1.10
CA ALA C 209 -12.94 -18.14 0.95
C ALA C 209 -13.66 -17.72 -0.30
N VAL C 210 -14.40 -16.60 -0.22
CA VAL C 210 -15.21 -16.14 -1.35
C VAL C 210 -15.17 -14.62 -1.49
N CYS C 211 -15.47 -14.14 -2.69
CA CYS C 211 -15.76 -12.69 -2.88
C CYS C 211 -17.11 -12.31 -2.25
N ARG C 212 -17.39 -11.01 -2.24
CA ARG C 212 -18.66 -10.48 -1.78
C ARG C 212 -19.87 -11.20 -2.42
N HIS C 213 -19.88 -11.20 -3.76
CA HIS C 213 -20.95 -11.75 -4.58
C HIS C 213 -21.27 -13.21 -4.21
N HIS C 214 -20.23 -13.97 -3.87
CA HIS C 214 -20.40 -15.39 -3.58
C HIS C 214 -20.47 -15.72 -2.10
N HIS C 215 -20.77 -14.71 -1.28
CA HIS C 215 -21.01 -14.94 0.12
C HIS C 215 -22.51 -14.78 0.37
N LYS C 216 -23.15 -15.87 0.75
CA LYS C 216 -24.58 -15.87 1.01
C LYS C 216 -24.91 -16.47 2.38
N VAL C 217 -25.70 -15.75 3.15
CA VAL C 217 -26.10 -16.18 4.47
C VAL C 217 -27.62 -16.27 4.49
N PRO C 218 -28.18 -17.50 4.44
CA PRO C 218 -29.63 -17.66 4.62
C PRO C 218 -30.11 -16.99 5.89
N ASN C 219 -31.21 -16.24 5.75
CA ASN C 219 -31.91 -15.52 6.83
C ASN C 219 -31.17 -14.36 7.46
N ARG C 220 -30.41 -13.63 6.64
CA ARG C 220 -29.75 -12.44 7.16
C ARG C 220 -30.80 -11.35 7.37
N PRO C 221 -30.80 -10.73 8.57
CA PRO C 221 -31.75 -9.67 8.86
C PRO C 221 -31.35 -8.32 8.24
N TYR C 222 -32.29 -7.37 8.27
CA TYR C 222 -32.07 -6.03 7.77
C TYR C 222 -32.47 -5.04 8.84
N LEU C 223 -31.50 -4.27 9.30
CA LEU C 223 -31.69 -3.25 10.34
C LEU C 223 -32.34 -1.96 9.85
N ASN C 224 -32.38 -1.75 8.53
CA ASN C 224 -32.99 -0.53 7.98
C ASN C 224 -34.30 -0.82 7.26
N SER C 225 -35.34 -0.10 7.66
CA SER C 225 -36.69 -0.35 7.17
C SER C 225 -36.80 -0.37 5.64
N ASN C 226 -35.96 0.39 4.93
CA ASN C 226 -36.10 0.51 3.47
C ASN C 226 -35.17 -0.36 2.63
N SER C 227 -34.41 -1.24 3.30
CA SER C 227 -33.40 -2.08 2.66
C SER C 227 -33.98 -3.08 1.65
N GLU C 228 -34.92 -3.90 2.12
CA GLU C 228 -35.53 -4.94 1.27
C GLU C 228 -36.27 -4.30 0.10
N GLU C 229 -36.91 -3.16 0.37
CA GLU C 229 -37.54 -2.35 -0.66
C GLU C 229 -36.55 -2.00 -1.78
N PHE C 230 -35.37 -1.51 -1.38
CA PHE C 230 -34.29 -1.15 -2.31
C PHE C 230 -33.81 -2.33 -3.16
N ILE C 231 -33.61 -3.49 -2.52
CA ILE C 231 -33.18 -4.69 -3.25
C ILE C 231 -34.20 -5.10 -4.30
N LYS C 232 -35.48 -5.00 -3.95
CA LYS C 232 -36.58 -5.27 -4.87
C LYS C 232 -36.52 -4.30 -6.06
N PHE C 233 -36.60 -3.00 -5.75
CA PHE C 233 -36.49 -1.91 -6.70
C PHE C 233 -35.39 -2.15 -7.76
N PHE C 234 -34.24 -2.62 -7.29
CA PHE C 234 -33.08 -2.82 -8.18
C PHE C 234 -33.06 -4.12 -8.96
N LYS C 235 -33.64 -5.18 -8.39
CA LYS C 235 -33.89 -6.39 -9.19
C LYS C 235 -34.81 -6.09 -10.39
N ASN C 236 -35.53 -4.97 -10.33
CA ASN C 236 -36.28 -4.43 -11.48
C ASN C 236 -35.37 -3.64 -12.43
N LYS C 237 -35.22 -4.14 -13.65
CA LYS C 237 -34.28 -3.58 -14.65
C LYS C 237 -34.78 -3.83 -16.07
N ILE D 31 -7.98 -10.89 -18.92
CA ILE D 31 -7.22 -9.88 -18.11
C ILE D 31 -5.69 -9.95 -18.18
N GLY D 32 -4.99 -10.25 -17.09
CA GLY D 32 -3.52 -10.30 -17.14
C GLY D 32 -2.82 -9.08 -16.54
N TRP D 33 -1.87 -9.30 -15.63
CA TRP D 33 -1.06 -8.18 -15.05
C TRP D 33 0.23 -8.65 -14.40
N ILE D 34 1.07 -7.69 -14.01
CA ILE D 34 2.34 -7.97 -13.33
C ILE D 34 2.31 -7.43 -11.89
N GLU D 35 2.67 -8.29 -10.95
CA GLU D 35 2.90 -7.89 -9.56
C GLU D 35 4.39 -8.05 -9.24
N PHE D 36 4.98 -6.99 -8.68
CA PHE D 36 6.39 -6.94 -8.31
C PHE D 36 6.60 -6.86 -6.80
N ILE D 37 7.27 -7.88 -6.25
CA ILE D 37 7.67 -7.91 -4.86
C ILE D 37 9.16 -7.67 -4.80
N THR D 38 9.55 -6.63 -4.08
CA THR D 38 10.94 -6.26 -4.02
C THR D 38 11.38 -5.69 -2.65
N GLY D 39 12.60 -5.16 -2.60
CA GLY D 39 13.24 -4.77 -1.34
C GLY D 39 14.62 -5.40 -1.15
N PRO D 40 15.26 -5.14 -0.01
CA PRO D 40 16.62 -5.64 0.18
C PRO D 40 16.62 -7.11 0.58
N MET D 41 17.79 -7.63 0.97
CA MET D 41 17.87 -8.97 1.51
C MET D 41 17.26 -8.99 2.92
N PHE D 42 16.90 -10.17 3.40
CA PHE D 42 16.30 -10.36 4.73
C PHE D 42 14.95 -9.65 4.93
N ALA D 43 14.23 -9.37 3.83
CA ALA D 43 12.92 -8.69 3.88
C ALA D 43 11.73 -9.62 3.81
N GLY D 44 11.97 -10.86 3.42
CA GLY D 44 10.93 -11.87 3.31
C GLY D 44 10.23 -11.87 1.97
N LYS D 45 10.96 -11.49 0.92
CA LYS D 45 10.43 -11.41 -0.44
C LYS D 45 9.90 -12.75 -0.93
N THR D 46 10.72 -13.79 -0.77
CA THR D 46 10.36 -15.14 -1.18
C THR D 46 9.17 -15.68 -0.38
N ALA D 47 9.18 -15.47 0.93
CA ALA D 47 8.05 -15.77 1.80
C ALA D 47 6.76 -15.13 1.26
N GLU D 48 6.84 -13.86 0.88
CA GLU D 48 5.70 -13.14 0.35
C GLU D 48 5.23 -13.70 -1.01
N LEU D 49 6.17 -14.02 -1.88
CA LEU D 49 5.84 -14.69 -3.13
C LEU D 49 5.13 -16.02 -2.86
N ILE D 50 5.68 -16.81 -1.93
CA ILE D 50 5.09 -18.09 -1.58
C ILE D 50 3.69 -17.92 -1.00
N ARG D 51 3.52 -16.95 -0.11
CA ARG D 51 2.21 -16.62 0.45
C ARG D 51 1.15 -16.40 -0.63
N ARG D 52 1.48 -15.57 -1.63
CA ARG D 52 0.54 -15.26 -2.68
C ARG D 52 0.22 -16.46 -3.53
N LEU D 53 1.22 -17.29 -3.80
CA LEU D 53 0.99 -18.49 -4.61
C LEU D 53 0.23 -19.58 -3.84
N HIS D 54 0.50 -19.69 -2.54
CA HIS D 54 -0.20 -20.66 -1.70
C HIS D 54 -1.73 -20.43 -1.68
N ARG D 55 -2.13 -19.15 -1.69
CA ARG D 55 -3.54 -18.74 -1.74
C ARG D 55 -4.28 -19.42 -2.87
N LEU D 56 -3.59 -19.60 -3.99
CA LEU D 56 -4.18 -20.09 -5.22
C LEU D 56 -4.61 -21.54 -5.07
N GLU D 57 -3.91 -22.27 -4.23
CA GLU D 57 -4.15 -23.69 -4.05
C GLU D 57 -5.50 -23.97 -3.39
N TYR D 58 -5.97 -23.09 -2.52
CA TYR D 58 -7.24 -23.34 -1.83
C TYR D 58 -8.43 -23.12 -2.75
N ALA D 59 -8.19 -22.46 -3.88
CA ALA D 59 -9.20 -22.29 -4.90
C ALA D 59 -8.89 -23.16 -6.11
N ASP D 60 -7.89 -24.03 -5.96
CA ASP D 60 -7.53 -24.95 -7.03
C ASP D 60 -7.03 -24.24 -8.31
N VAL D 61 -6.42 -23.07 -8.16
CA VAL D 61 -5.91 -22.34 -9.34
C VAL D 61 -4.43 -22.66 -9.55
N LYS D 62 -4.10 -23.14 -10.75
CA LYS D 62 -2.77 -23.62 -11.05
C LYS D 62 -1.77 -22.52 -11.35
N TYR D 63 -0.54 -22.74 -10.91
CA TYR D 63 0.55 -21.78 -11.12
C TYR D 63 1.85 -22.51 -11.46
N LEU D 64 2.83 -21.75 -11.92
CA LEU D 64 4.12 -22.28 -12.31
C LEU D 64 5.19 -21.28 -11.90
N VAL D 65 6.24 -21.75 -11.25
CA VAL D 65 7.33 -20.89 -10.76
C VAL D 65 8.64 -21.12 -11.53
N PHE D 66 9.30 -20.02 -11.89
CA PHE D 66 10.58 -20.03 -12.58
C PHE D 66 11.64 -19.32 -11.76
N LYS D 67 12.89 -19.74 -11.97
CA LYS D 67 14.04 -19.30 -11.21
C LYS D 67 15.19 -19.30 -12.22
N PRO D 68 16.03 -18.24 -12.21
CA PRO D 68 17.28 -18.31 -12.99
C PRO D 68 18.29 -19.29 -12.40
N LYS D 69 19.02 -19.97 -13.29
CA LYS D 69 20.02 -20.95 -12.85
C LYS D 69 21.23 -20.16 -12.40
N ILE D 70 21.49 -20.17 -11.09
CA ILE D 70 22.65 -19.42 -10.57
C ILE D 70 23.99 -20.17 -10.58
N ASP D 71 24.09 -21.25 -9.82
CA ASP D 71 25.32 -22.02 -9.77
C ASP D 71 25.12 -23.34 -10.51
N THR D 72 25.91 -24.35 -10.14
CA THR D 72 25.87 -25.68 -10.74
C THR D 72 24.79 -26.59 -10.15
N ARG D 73 24.39 -26.32 -8.91
CA ARG D 73 23.33 -27.06 -8.25
C ARG D 73 21.99 -26.91 -8.99
N SER D 74 21.27 -28.01 -9.11
CA SER D 74 19.94 -27.98 -9.63
C SER D 74 18.98 -27.74 -8.47
N ILE D 75 18.29 -26.60 -8.52
CA ILE D 75 17.33 -26.22 -7.50
C ILE D 75 15.91 -26.25 -8.04
N ARG D 76 15.02 -26.91 -7.30
CA ARG D 76 13.69 -27.18 -7.77
C ARG D 76 12.58 -26.75 -6.86
N ASN D 77 12.95 -26.06 -5.80
CA ASN D 77 11.99 -25.46 -4.91
C ASN D 77 12.49 -24.07 -4.52
N ILE D 78 11.56 -23.13 -4.43
CA ILE D 78 11.80 -21.91 -3.70
C ILE D 78 11.30 -22.17 -2.29
N GLN D 79 11.94 -21.54 -1.30
CA GLN D 79 11.64 -21.80 0.12
C GLN D 79 11.44 -20.56 0.98
N SER D 80 10.37 -20.55 1.75
CA SER D 80 10.19 -19.58 2.84
C SER D 80 10.42 -20.28 4.17
N ARG D 81 11.22 -19.65 5.04
CA ARG D 81 11.41 -20.15 6.41
C ARG D 81 10.10 -20.15 7.23
N THR D 82 9.02 -19.71 6.58
CA THR D 82 7.65 -19.82 7.08
C THR D 82 7.17 -21.29 7.15
N GLY D 83 7.95 -22.21 6.57
CA GLY D 83 7.56 -23.61 6.47
C GLY D 83 7.43 -24.09 5.04
N THR D 84 6.68 -23.34 4.23
CA THR D 84 6.27 -23.75 2.85
C THR D 84 7.39 -23.79 1.80
N SER D 85 7.25 -24.73 0.88
CA SER D 85 8.11 -24.84 -0.30
C SER D 85 7.23 -25.11 -1.48
N LEU D 86 7.53 -24.46 -2.59
CA LEU D 86 6.82 -24.69 -3.84
C LEU D 86 7.81 -25.05 -4.93
N PRO D 87 7.45 -26.00 -5.81
CA PRO D 87 8.25 -26.42 -6.96
C PRO D 87 8.63 -25.27 -7.90
N SER D 88 9.87 -25.27 -8.41
CA SER D 88 10.30 -24.29 -9.41
C SER D 88 11.13 -24.89 -10.57
N VAL D 89 10.86 -24.42 -11.79
CA VAL D 89 11.66 -24.77 -12.95
C VAL D 89 12.84 -23.81 -13.06
N GLU D 90 14.05 -24.37 -13.22
CA GLU D 90 15.25 -23.59 -13.46
C GLU D 90 15.44 -23.25 -14.92
N VAL D 91 15.92 -22.04 -15.19
CA VAL D 91 16.00 -21.53 -16.54
C VAL D 91 17.26 -20.67 -16.69
N GLU D 92 17.90 -20.74 -17.84
CA GLU D 92 19.17 -20.08 -18.05
C GLU D 92 19.12 -18.70 -18.72
N SER D 93 17.93 -18.29 -19.16
CA SER D 93 17.68 -16.96 -19.72
C SER D 93 16.18 -16.73 -19.78
N ALA D 94 15.77 -15.46 -19.93
CA ALA D 94 14.36 -15.13 -19.90
C ALA D 94 13.52 -15.84 -20.97
N PRO D 95 13.96 -15.84 -22.25
CA PRO D 95 13.18 -16.47 -23.32
C PRO D 95 12.79 -17.93 -23.11
N GLU D 96 13.62 -18.68 -22.37
CA GLU D 96 13.32 -20.08 -22.08
C GLU D 96 12.00 -20.28 -21.34
N ILE D 97 11.56 -19.26 -20.59
CA ILE D 97 10.25 -19.30 -19.93
C ILE D 97 9.13 -19.45 -20.95
N LEU D 98 9.18 -18.65 -22.02
CA LEU D 98 8.19 -18.76 -23.07
C LEU D 98 8.28 -20.10 -23.78
N ASN D 99 9.50 -20.59 -24.03
CA ASN D 99 9.67 -21.92 -24.61
C ASN D 99 9.03 -23.01 -23.78
N TYR D 100 9.19 -22.93 -22.46
CA TYR D 100 8.64 -23.93 -21.57
C TYR D 100 7.14 -23.92 -21.65
N ILE D 101 6.55 -22.74 -21.70
CA ILE D 101 5.09 -22.64 -21.79
C ILE D 101 4.56 -23.17 -23.13
N MET D 102 5.39 -23.11 -24.17
CA MET D 102 5.02 -23.68 -25.46
C MET D 102 5.27 -25.19 -25.53
N SER D 103 6.07 -25.71 -24.61
CA SER D 103 6.44 -27.13 -24.61
C SER D 103 5.34 -28.02 -24.07
N ASN D 104 5.57 -29.32 -24.16
CA ASN D 104 4.67 -30.35 -23.65
C ASN D 104 4.60 -30.42 -22.13
N SER D 105 5.61 -29.88 -21.46
CA SER D 105 5.62 -29.88 -20.01
C SER D 105 4.56 -28.95 -19.40
N PHE D 106 4.04 -28.05 -20.21
CA PHE D 106 3.15 -27.00 -19.74
C PHE D 106 1.73 -27.48 -19.49
N ASN D 107 1.25 -27.26 -18.27
CA ASN D 107 -0.13 -27.47 -17.89
C ASN D 107 -1.03 -26.35 -18.41
N ASP D 108 -1.98 -26.69 -19.27
CA ASP D 108 -2.92 -25.74 -19.90
C ASP D 108 -3.74 -24.89 -18.93
N GLU D 109 -3.98 -25.43 -17.75
CA GLU D 109 -4.79 -24.75 -16.74
C GLU D 109 -4.06 -23.60 -16.02
N THR D 110 -2.74 -23.55 -16.14
CA THR D 110 -1.91 -22.57 -15.43
C THR D 110 -2.38 -21.14 -15.69
N LYS D 111 -2.73 -20.44 -14.61
CA LYS D 111 -3.19 -19.05 -14.67
C LYS D 111 -2.11 -18.05 -14.24
N VAL D 112 -1.18 -18.51 -13.40
CA VAL D 112 -0.28 -17.61 -12.70
C VAL D 112 1.15 -18.07 -12.88
N ILE D 113 2.03 -17.13 -13.19
CA ILE D 113 3.43 -17.44 -13.31
C ILE D 113 4.23 -16.68 -12.27
N GLY D 114 4.98 -17.43 -11.47
CA GLY D 114 5.87 -16.87 -10.48
C GLY D 114 7.30 -16.83 -10.99
N ILE D 115 8.00 -15.73 -10.73
CA ILE D 115 9.40 -15.60 -11.15
C ILE D 115 10.17 -15.07 -9.96
N ASP D 116 11.05 -15.90 -9.39
CA ASP D 116 11.82 -15.46 -8.22
C ASP D 116 13.24 -15.06 -8.60
N GLU D 117 13.81 -14.15 -7.80
CA GLU D 117 15.18 -13.64 -8.00
C GLU D 117 15.43 -13.07 -9.41
N VAL D 118 14.53 -12.22 -9.90
CA VAL D 118 14.65 -11.64 -11.23
C VAL D 118 15.94 -10.88 -11.48
N GLN D 119 16.54 -10.35 -10.43
CA GLN D 119 17.75 -9.55 -10.56
C GLN D 119 18.84 -10.24 -11.39
N PHE D 120 18.82 -11.58 -11.43
CA PHE D 120 19.84 -12.36 -12.14
C PHE D 120 19.55 -12.56 -13.63
N PHE D 121 18.34 -12.23 -14.06
CA PHE D 121 18.04 -12.20 -15.50
C PHE D 121 18.62 -10.92 -16.12
N ASP D 122 18.60 -10.85 -17.46
CA ASP D 122 18.96 -9.62 -18.18
C ASP D 122 17.69 -8.91 -18.61
N ASP D 123 17.81 -7.85 -19.41
CA ASP D 123 16.70 -6.97 -19.76
C ASP D 123 15.57 -7.70 -20.49
N ARG D 124 15.88 -8.86 -21.06
CA ARG D 124 14.90 -9.66 -21.80
C ARG D 124 13.71 -10.12 -20.95
N ILE D 125 13.88 -10.14 -19.62
CA ILE D 125 12.80 -10.51 -18.70
C ILE D 125 11.56 -9.59 -18.77
N CYS D 126 11.78 -8.30 -19.01
CA CYS D 126 10.70 -7.33 -19.13
C CYS D 126 9.75 -7.68 -20.26
N GLU D 127 10.31 -7.89 -21.44
CA GLU D 127 9.52 -8.23 -22.61
C GLU D 127 8.73 -9.52 -22.38
N VAL D 128 9.40 -10.51 -21.78
CA VAL D 128 8.79 -11.78 -21.40
C VAL D 128 7.59 -11.58 -20.49
N ALA D 129 7.77 -10.78 -19.43
CA ALA D 129 6.76 -10.53 -18.43
C ALA D 129 5.57 -9.76 -19.02
N ASN D 130 5.86 -8.68 -19.76
CA ASN D 130 4.84 -7.92 -20.50
C ASN D 130 3.98 -8.82 -21.40
N ILE D 131 4.66 -9.66 -22.18
CA ILE D 131 3.99 -10.52 -23.14
C ILE D 131 3.10 -11.54 -22.45
N LEU D 132 3.59 -12.10 -21.34
CA LEU D 132 2.81 -13.00 -20.51
C LEU D 132 1.53 -12.33 -19.99
N ALA D 133 1.65 -11.09 -19.52
CA ALA D 133 0.52 -10.34 -19.01
C ALA D 133 -0.47 -9.98 -20.12
N GLU D 134 0.04 -9.68 -21.31
CA GLU D 134 -0.79 -9.36 -22.48
C GLU D 134 -1.63 -10.55 -22.89
N ASN D 135 -1.13 -11.75 -22.62
CA ASN D 135 -1.79 -12.98 -23.03
C ASN D 135 -2.57 -13.67 -21.92
N GLY D 136 -2.99 -12.89 -20.93
CA GLY D 136 -3.88 -13.38 -19.88
C GLY D 136 -3.25 -13.97 -18.62
N PHE D 137 -1.94 -14.08 -18.58
CA PHE D 137 -1.24 -14.53 -17.36
C PHE D 137 -1.10 -13.44 -16.28
N VAL D 138 -1.33 -13.83 -15.03
CA VAL D 138 -0.92 -13.03 -13.87
C VAL D 138 0.52 -13.43 -13.56
N VAL D 139 1.41 -12.46 -13.60
CA VAL D 139 2.82 -12.68 -13.38
C VAL D 139 3.25 -12.09 -12.04
N ILE D 140 3.60 -12.92 -11.08
CA ILE D 140 4.11 -12.42 -9.79
C ILE D 140 5.62 -12.60 -9.72
N ILE D 141 6.30 -11.47 -9.53
CA ILE D 141 7.74 -11.36 -9.71
C ILE D 141 8.42 -10.90 -8.44
N SER D 142 9.48 -11.59 -8.05
CA SER D 142 10.22 -11.28 -6.84
C SER D 142 11.72 -11.10 -7.12
N GLY D 143 12.32 -10.10 -6.47
CA GLY D 143 13.75 -9.85 -6.62
C GLY D 143 14.27 -8.63 -5.86
N LEU D 144 15.59 -8.55 -5.73
CA LEU D 144 16.26 -7.40 -5.13
C LEU D 144 16.17 -6.13 -5.97
N ASP D 145 15.86 -5.00 -5.36
CA ASP D 145 15.90 -3.75 -6.11
C ASP D 145 17.31 -3.17 -6.21
N LYS D 146 18.14 -3.43 -5.21
CA LYS D 146 19.49 -2.86 -5.19
C LYS D 146 20.56 -3.94 -5.14
N ASN D 147 21.64 -3.71 -5.90
CA ASN D 147 22.88 -4.43 -5.67
C ASN D 147 23.61 -3.81 -4.45
N PHE D 148 24.74 -4.40 -4.07
CA PHE D 148 25.44 -3.92 -2.87
C PHE D 148 25.82 -2.44 -2.94
N LYS D 149 25.99 -1.90 -4.15
CA LYS D 149 26.31 -0.48 -4.31
C LYS D 149 25.15 0.44 -3.96
N GLY D 150 23.95 -0.14 -3.83
CA GLY D 150 22.72 0.63 -3.63
C GLY D 150 22.17 1.14 -4.93
N GLU D 151 22.54 0.49 -6.02
CA GLU D 151 22.09 0.89 -7.36
C GLU D 151 21.18 -0.18 -7.93
N PRO D 152 20.38 0.16 -8.97
CA PRO D 152 19.44 -0.77 -9.60
C PRO D 152 20.11 -2.09 -10.00
N PHE D 153 19.56 -3.20 -9.51
CA PHE D 153 20.16 -4.51 -9.72
C PHE D 153 19.68 -5.10 -11.03
N GLY D 154 20.60 -5.21 -11.98
CA GLY D 154 20.29 -5.77 -13.29
C GLY D 154 19.09 -5.07 -13.92
N PRO D 155 18.07 -5.85 -14.30
CA PRO D 155 16.97 -5.32 -15.09
C PRO D 155 15.80 -4.78 -14.28
N ILE D 156 15.91 -4.76 -12.97
CA ILE D 156 14.73 -4.53 -12.13
C ILE D 156 14.14 -3.13 -12.29
N ALA D 157 14.97 -2.18 -12.67
CA ALA D 157 14.52 -0.79 -12.82
C ALA D 157 13.33 -0.70 -13.78
N LYS D 158 13.45 -1.35 -14.93
CA LYS D 158 12.37 -1.34 -15.91
C LYS D 158 11.13 -2.07 -15.41
N LEU D 159 11.33 -3.14 -14.65
CA LEU D 159 10.22 -3.92 -14.10
C LEU D 159 9.26 -3.08 -13.25
N PHE D 160 9.80 -2.13 -12.49
CA PHE D 160 9.00 -1.21 -11.70
C PHE D 160 7.96 -0.51 -12.57
N THR D 161 8.40 -0.09 -13.76
CA THR D 161 7.57 0.58 -14.77
C THR D 161 6.45 -0.31 -15.29
N TYR D 162 6.78 -1.58 -15.49
CA TYR D 162 5.86 -2.50 -16.14
C TYR D 162 4.90 -3.15 -15.19
N ALA D 163 5.29 -3.19 -13.93
CA ALA D 163 4.46 -3.83 -12.90
C ALA D 163 3.21 -3.00 -12.65
N ASP D 164 2.04 -3.62 -12.72
CA ASP D 164 0.80 -2.97 -12.33
C ASP D 164 0.81 -2.71 -10.81
N LYS D 165 1.40 -3.64 -10.06
CA LYS D 165 1.38 -3.58 -8.62
C LYS D 165 2.79 -3.74 -8.06
N ILE D 166 3.20 -2.79 -7.22
CA ILE D 166 4.51 -2.79 -6.58
C ILE D 166 4.37 -2.96 -5.07
N THR D 167 5.09 -3.93 -4.53
CA THR D 167 5.24 -4.07 -3.10
C THR D 167 6.71 -4.02 -2.78
N LYS D 168 7.12 -2.92 -2.17
CA LYS D 168 8.49 -2.76 -1.73
C LYS D 168 8.53 -3.09 -0.25
N LEU D 169 9.08 -4.26 0.09
CA LEU D 169 9.18 -4.69 1.48
C LEU D 169 10.42 -4.11 2.15
N THR D 170 10.42 -4.04 3.48
CA THR D 170 11.61 -3.64 4.19
C THR D 170 12.16 -4.76 5.02
N ALA D 171 13.44 -4.61 5.37
CA ALA D 171 14.05 -5.42 6.38
C ALA D 171 14.26 -4.54 7.60
N ILE D 172 14.91 -5.09 8.63
CA ILE D 172 15.23 -4.34 9.83
C ILE D 172 16.70 -4.02 9.78
N CYS D 173 17.06 -2.74 9.90
CA CYS D 173 18.49 -2.34 9.89
C CYS D 173 19.32 -2.99 10.99
N ASN D 174 20.37 -3.67 10.55
CA ASN D 174 21.28 -4.40 11.43
C ASN D 174 21.99 -3.49 12.42
N GLU D 175 22.08 -2.19 12.10
CA GLU D 175 22.77 -1.27 12.98
C GLU D 175 21.88 -0.50 13.93
N CYS D 176 20.76 0.04 13.45
CA CYS D 176 19.92 0.90 14.31
C CYS D 176 18.48 0.38 14.53
N GLY D 177 18.12 -0.69 13.84
CA GLY D 177 16.77 -1.23 13.94
C GLY D 177 15.69 -0.49 13.16
N ALA D 178 16.05 0.54 12.39
CA ALA D 178 15.09 1.24 11.53
C ALA D 178 14.65 0.32 10.38
N GLU D 179 13.68 0.74 9.59
CA GLU D 179 13.36 0.01 8.36
C GLU D 179 14.58 0.03 7.47
N ALA D 180 14.98 -1.15 7.00
CA ALA D 180 16.13 -1.30 6.10
C ALA D 180 15.69 -1.36 4.64
N THR D 181 16.37 -0.57 3.81
CA THR D 181 16.06 -0.43 2.39
C THR D 181 17.19 -0.92 1.49
N HIS D 182 18.33 -1.23 2.11
CA HIS D 182 19.57 -1.52 1.41
C HIS D 182 20.19 -2.83 1.84
N SER D 183 20.87 -3.50 0.91
CA SER D 183 21.74 -4.61 1.23
C SER D 183 23.18 -4.11 1.36
N LEU D 184 23.86 -4.45 2.46
CA LEU D 184 25.26 -4.07 2.65
C LEU D 184 26.16 -5.29 2.57
N ARG D 185 27.26 -5.19 1.81
CA ARG D 185 28.23 -6.28 1.72
C ARG D 185 29.51 -5.97 2.48
N LYS D 186 29.98 -6.95 3.25
CA LYS D 186 31.21 -6.82 4.02
C LYS D 186 32.11 -8.03 3.80
N ILE D 187 33.35 -7.79 3.36
CA ILE D 187 34.33 -8.87 3.28
C ILE D 187 35.31 -8.68 4.43
N ASP D 188 35.44 -9.72 5.25
CA ASP D 188 36.30 -9.70 6.45
C ASP D 188 36.06 -8.40 7.23
N GLY D 189 34.81 -8.16 7.62
CA GLY D 189 34.47 -6.97 8.39
C GLY D 189 34.57 -5.61 7.72
N LYS D 190 35.17 -5.53 6.53
CA LYS D 190 35.24 -4.24 5.82
C LYS D 190 34.20 -4.15 4.72
N HIS D 191 33.57 -2.98 4.60
CA HIS D 191 32.59 -2.70 3.54
C HIS D 191 33.17 -3.03 2.17
N ALA D 192 32.32 -3.54 1.29
CA ALA D 192 32.70 -3.81 -0.09
C ALA D 192 33.00 -2.52 -0.81
N ASP D 193 34.05 -2.54 -1.62
CA ASP D 193 34.39 -1.39 -2.42
C ASP D 193 33.42 -1.29 -3.59
N TYR D 194 33.13 -0.05 -4.00
CA TYR D 194 32.26 0.24 -5.13
C TYR D 194 32.58 -0.56 -6.40
N ASN D 195 33.84 -0.88 -6.63
CA ASN D 195 34.22 -1.53 -7.86
C ASN D 195 34.29 -3.05 -7.78
N ASP D 196 33.85 -3.63 -6.68
CA ASP D 196 33.78 -5.09 -6.55
C ASP D 196 32.71 -5.68 -7.48
N ASP D 197 32.79 -6.99 -7.69
CA ASP D 197 31.80 -7.75 -8.47
C ASP D 197 30.38 -7.55 -7.97
N ILE D 198 29.46 -7.26 -8.89
CA ILE D 198 28.04 -7.17 -8.56
C ILE D 198 27.50 -8.52 -8.04
N VAL D 199 27.68 -9.59 -8.81
CA VAL D 199 27.18 -10.91 -8.43
C VAL D 199 28.13 -11.63 -7.47
N LYS D 200 27.62 -11.96 -6.29
CA LYS D 200 28.35 -12.74 -5.30
C LYS D 200 27.34 -13.44 -4.40
N ILE D 201 27.15 -14.73 -4.62
CA ILE D 201 26.16 -15.53 -3.88
C ILE D 201 26.59 -15.72 -2.43
N GLY D 202 25.62 -15.68 -1.52
CA GLY D 202 25.88 -15.82 -0.10
C GLY D 202 24.77 -15.28 0.79
N CYS D 203 25.03 -15.36 2.10
CA CYS D 203 24.05 -14.96 3.10
C CYS D 203 24.69 -14.01 4.12
N GLN D 204 24.44 -14.23 5.40
CA GLN D 204 24.93 -13.34 6.45
C GLN D 204 26.44 -13.34 6.68
N GLU D 205 27.17 -14.30 6.11
CA GLU D 205 28.64 -14.18 6.14
C GLU D 205 29.16 -12.98 5.33
N PHE D 206 28.37 -12.52 4.35
CA PHE D 206 28.73 -11.38 3.51
C PHE D 206 27.79 -10.19 3.70
N TYR D 207 26.50 -10.50 3.87
CA TYR D 207 25.47 -9.49 3.72
C TYR D 207 24.67 -9.19 4.98
N SER D 208 24.24 -7.94 5.09
CA SER D 208 23.32 -7.52 6.11
C SER D 208 22.35 -6.51 5.47
N ALA D 209 21.25 -6.23 6.17
CA ALA D 209 20.30 -5.22 5.70
C ALA D 209 20.44 -3.96 6.53
N VAL D 210 20.42 -2.81 5.87
CA VAL D 210 20.62 -1.55 6.54
C VAL D 210 19.70 -0.45 5.99
N CYS D 211 19.47 0.57 6.82
CA CYS D 211 18.80 1.81 6.40
C CYS D 211 19.72 2.59 5.44
N ARG D 212 19.19 3.67 4.86
CA ARG D 212 19.96 4.57 4.00
C ARG D 212 21.24 5.06 4.67
N HIS D 213 21.08 5.62 5.86
CA HIS D 213 22.17 6.25 6.59
C HIS D 213 23.30 5.27 6.89
N HIS D 214 22.97 4.00 7.07
CA HIS D 214 23.98 3.00 7.40
C HIS D 214 24.42 2.17 6.20
N HIS D 215 24.20 2.72 5.01
CA HIS D 215 24.75 2.11 3.81
C HIS D 215 25.88 2.97 3.30
N LYS D 216 27.09 2.42 3.34
CA LYS D 216 28.28 3.16 2.91
C LYS D 216 29.10 2.35 1.93
N VAL D 217 29.43 2.97 0.81
CA VAL D 217 30.20 2.33 -0.22
C VAL D 217 31.46 3.14 -0.46
N PRO D 218 32.62 2.62 0.00
CA PRO D 218 33.89 3.26 -0.30
C PRO D 218 34.05 3.48 -1.79
N ASN D 219 34.44 4.71 -2.18
CA ASN D 219 34.75 5.05 -3.55
C ASN D 219 33.57 5.24 -4.51
N ARG D 220 32.46 5.66 -3.94
CA ARG D 220 31.25 5.99 -4.67
C ARG D 220 31.49 7.20 -5.58
N PRO D 221 31.22 7.08 -6.89
CA PRO D 221 31.44 8.20 -7.80
C PRO D 221 30.31 9.22 -7.70
N TYR D 222 30.52 10.40 -8.26
CA TYR D 222 29.48 11.42 -8.35
C TYR D 222 29.39 11.91 -9.77
N LEU D 223 28.24 11.71 -10.40
CA LEU D 223 28.11 12.04 -11.81
C LEU D 223 27.52 13.46 -12.05
N ASN D 224 27.26 14.18 -10.96
CA ASN D 224 26.88 15.59 -10.97
C ASN D 224 28.06 16.44 -10.56
N SER D 225 28.44 17.42 -11.38
CA SER D 225 29.64 18.22 -11.07
C SER D 225 29.52 19.02 -9.75
N ASN D 226 28.29 19.25 -9.27
CA ASN D 226 28.05 20.06 -8.07
C ASN D 226 27.73 19.30 -6.78
N SER D 227 27.75 17.97 -6.84
CA SER D 227 27.35 17.12 -5.71
C SER D 227 28.28 17.17 -4.50
N GLU D 228 29.57 16.93 -4.73
CA GLU D 228 30.60 17.01 -3.68
C GLU D 228 30.55 18.38 -2.99
N GLU D 229 30.44 19.42 -3.81
CA GLU D 229 30.31 20.79 -3.32
C GLU D 229 29.15 20.91 -2.35
N PHE D 230 27.98 20.41 -2.74
CA PHE D 230 26.78 20.46 -1.91
C PHE D 230 26.96 19.71 -0.58
N ILE D 231 27.57 18.52 -0.60
CA ILE D 231 27.83 17.77 0.64
C ILE D 231 28.77 18.54 1.58
N LYS D 232 29.80 19.18 1.02
CA LYS D 232 30.69 20.08 1.77
C LYS D 232 29.87 21.19 2.43
N PHE D 233 29.22 21.99 1.58
CA PHE D 233 28.35 23.09 2.00
C PHE D 233 27.46 22.70 3.19
N PHE D 234 26.89 21.50 3.14
CA PHE D 234 25.96 21.07 4.17
C PHE D 234 26.61 20.50 5.44
N LYS D 235 27.79 19.91 5.31
CA LYS D 235 28.53 19.51 6.51
C LYS D 235 28.92 20.76 7.33
N ASN D 236 28.87 21.93 6.69
CA ASN D 236 29.00 23.22 7.37
C ASN D 236 27.67 23.70 7.95
N LYS D 237 27.60 23.78 9.29
CA LYS D 237 26.40 24.23 9.99
C LYS D 237 26.73 24.73 11.40
ZN ZN E . 4.06 14.05 17.77
PA TTP F . -13.10 17.26 8.53
O1A TTP F . -13.53 18.24 7.46
O2A TTP F . -14.02 16.05 8.57
O3A TTP F . -11.60 16.72 8.30
PB TTP F . -10.55 17.83 7.84
O1B TTP F . -11.17 18.72 6.79
O2B TTP F . -10.04 18.61 9.01
O3B TTP F . -9.34 17.03 7.19
PG TTP F . -9.35 16.61 5.65
O1G TTP F . -10.75 16.32 5.15
O2G TTP F . -8.52 15.36 5.63
O3G TTP F . -8.70 17.71 4.85
O5' TTP F . -13.10 18.08 9.92
C5' TTP F . -13.57 17.43 11.09
C4' TTP F . -14.81 18.07 11.66
O4' TTP F . -15.35 17.19 12.67
C3' TTP F . -14.46 19.37 12.34
O3' TTP F . -15.42 20.37 12.01
C2' TTP F . -14.44 19.07 13.83
C1' TTP F . -15.28 17.81 13.97
N1 TTP F . -14.82 16.90 15.04
C2 TTP F . -15.78 16.61 16.04
O2 TTP F . -16.91 17.14 15.93
N3 TTP F . -15.52 15.81 17.08
C4 TTP F . -14.32 15.25 17.22
O4 TTP F . -14.08 14.51 18.21
C5 TTP F . -13.27 15.53 16.19
C5M TTP F . -11.90 14.90 16.32
C6 TTP F . -13.59 16.37 15.13
ZN ZN G . -9.10 -0.57 -21.40
MG MG H . 0.82 15.58 -13.08
PA TTP I . 1.22 14.82 -16.30
O1A TTP I . 1.16 15.82 -15.20
O2A TTP I . 1.81 13.51 -15.83
O3A TTP I . -0.21 14.60 -16.98
PB TTP I . -1.49 14.88 -16.06
O1B TTP I . -1.64 16.36 -15.83
O2B TTP I . -2.75 14.27 -16.59
O3B TTP I . -1.01 14.18 -14.70
PG TTP I . -1.86 13.96 -13.35
O1G TTP I . -1.22 14.86 -12.32
O2G TTP I . -1.72 12.52 -12.91
O3G TTP I . -3.32 14.30 -13.53
O5' TTP I . 2.16 15.39 -17.45
C5' TTP I . 2.21 14.72 -18.69
C4' TTP I . 3.01 15.60 -19.65
O4' TTP I . 3.94 14.78 -20.33
C3' TTP I . 2.16 16.25 -20.72
O3' TTP I . 2.69 17.54 -20.95
C2' TTP I . 2.40 15.43 -21.96
C1' TTP I . 3.83 14.95 -21.75
N1 TTP I . 4.20 13.68 -22.39
C2 TTP I . 5.32 13.64 -23.25
O2 TTP I . 5.98 14.66 -23.51
N3 TTP I . 5.69 12.47 -23.81
C4 TTP I . 5.01 11.34 -23.56
O4 TTP I . 5.37 10.28 -24.12
C5 TTP I . 3.83 11.37 -22.66
C5M TTP I . 3.02 10.13 -22.34
C6 TTP I . 3.49 12.59 -22.10
ZN ZN J . -16.35 -15.02 -6.31
PA TTP K . -7.23 -18.55 10.44
O1A TTP K . -5.73 -18.53 10.66
O2A TTP K . -7.73 -17.13 10.40
O3A TTP K . -7.62 -19.31 9.09
PB TTP K . -6.53 -19.65 7.97
O1B TTP K . -5.43 -20.55 8.51
O2B TTP K . -7.16 -20.22 6.71
O3B TTP K . -5.99 -18.16 7.74
PG TTP K . -4.47 -17.78 7.44
O1G TTP K . -3.70 -17.56 8.73
O2G TTP K . -4.63 -16.49 6.67
O3G TTP K . -3.76 -18.75 6.57
O5' TTP K . -8.05 -19.46 11.50
C5' TTP K . -9.47 -19.60 11.33
C4' TTP K . -10.16 -20.35 12.47
O4' TTP K . -11.32 -19.63 12.90
C3' TTP K . -10.66 -21.70 12.03
O3' TTP K . -10.31 -22.65 13.04
C2' TTP K . -12.16 -21.64 11.96
C1' TTP K . -12.48 -20.44 12.84
N1 TTP K . -13.68 -19.69 12.39
C2 TTP K . -14.78 -19.69 13.30
O2 TTP K . -14.68 -20.29 14.40
N3 TTP K . -15.91 -19.03 13.03
C4 TTP K . -16.08 -18.36 11.89
O4 TTP K . -17.15 -17.76 11.67
C5 TTP K . -14.96 -18.35 10.91
C5M TTP K . -15.13 -17.58 9.62
C6 TTP K . -13.77 -19.04 11.22
ZN ZN L . 20.27 1.92 10.28
MG MG M . 14.65 -15.04 -1.74
PA TTP N . 17.44 -12.98 -1.61
O1A TTP N . 16.34 -14.01 -1.64
O2A TTP N . 16.96 -11.60 -1.98
O3A TTP N . 18.00 -12.93 -0.12
PB TTP N . 16.99 -13.22 1.09
O1B TTP N . 16.63 -14.69 1.12
O2B TTP N . 17.69 -12.75 2.35
O3B TTP N . 15.76 -12.30 0.64
PG TTP N . 14.23 -12.58 0.98
O1G TTP N . 13.59 -13.43 -0.08
O2G TTP N . 13.62 -11.21 1.05
O3G TTP N . 14.13 -13.26 2.32
O5' TTP N . 18.78 -13.44 -2.40
C5' TTP N . 19.98 -12.62 -2.51
C4' TTP N . 21.08 -13.30 -3.35
O4' TTP N . 21.67 -12.35 -4.23
C3' TTP N . 22.22 -13.84 -2.49
O3' TTP N . 22.64 -15.08 -3.02
C2' TTP N . 23.37 -12.85 -2.61
C1' TTP N . 23.08 -12.24 -3.98
N1 TTP N . 23.50 -10.84 -4.12
C2 TTP N . 24.45 -10.55 -5.12
O2 TTP N . 24.90 -11.47 -5.84
N3 TTP N . 24.85 -9.28 -5.33
C4 TTP N . 24.40 -8.27 -4.58
O4 TTP N . 24.80 -7.10 -4.78
C5 TTP N . 23.41 -8.56 -3.51
C5M TTP N . 22.87 -7.44 -2.66
C6 TTP N . 22.99 -9.87 -3.34
#